data_5AWB
#
_entry.id   5AWB
#
_cell.length_a   134.900
_cell.length_b   107.050
_cell.length_c   72.089
_cell.angle_alpha   90.00
_cell.angle_beta   106.35
_cell.angle_gamma   90.00
#
_symmetry.space_group_name_H-M   'C 1 2 1'
#
loop_
_entity.id
_entity.type
_entity.pdbx_description
1 polymer 'Toll-like receptor 8'
2 branched alpha-D-mannopyranose-(1-3)-beta-D-mannopyranose-(1-4)-2-acetamido-2-deoxy-beta-D-glucopyranose-(1-4)-2-acetamido-2-deoxy-beta-D-glucopyranose
3 branched 2-acetamido-2-deoxy-beta-D-glucopyranose-(1-4)-2-acetamido-2-deoxy-beta-D-glucopyranose
4 branched beta-D-mannopyranose-(1-4)-2-acetamido-2-deoxy-beta-D-glucopyranose-(1-4)-2-acetamido-2-deoxy-beta-D-glucopyranose
5 non-polymer 1-[[3-(aminomethyl)phenyl]methyl]-2-butyl-imidazo[4,5-c]quinolin-4-amine
6 non-polymer 2-acetamido-2-deoxy-beta-D-glucopyranose
7 water water
#
_entity_poly.entity_id   1
_entity_poly.type   'polypeptide(L)'
_entity_poly.pdbx_seq_one_letter_code
;RSPWEENFSRSYPCDEKKQNDSVIAECSNRRLQEVPQTVGKYVTELDLSDNFITHITNESFQGLQNLTKINLNHNPNVQH
QNGNPGIQSNGLNITDGAFLNLKNLRELLLEDNQLPQIPSGLPESLTELSLIQNNIYNITKEGISRLINLKNLYLAWNCY
FNKVCEKTNIEDGVFETLTNLELLSLSFNSLSHVPPKLPSSLRKLFLSNTQIKYISEEDFKGLINLTLLDLSGNCPRCFN
APFPCVPCDGGASINIDRFAFQNLTQLRYLNLSSTSLRKINAAWFKNMPHLKVLDLEFNYLVGEIASGAFLTMLPRLEIL
DLSFNYIKGSYPQHINISRNFSKLLSLRALHLRGYVFQELREDDFQPLMQLPNLSTINLGINFIKQIDFKLFQNFSNLEI
IYLSENRISPLVKDTRQSYANSSSFQRHIRKRRSTDFEFDPHSNFYHFTRPLIKPQCAAYGKALDLSLNSIFFIGPNQFE
NLPDIACLNLSANSNAQVLSGTEFSAIPHVKYLDLTNNRLDFDNASALTELSDLEVLDLSYNSHYFRIAGVTHHLEFIQN
FTNLKVLNLSHNNIYTLTDKYNLESKSLVELVFSGNRLDILWNDDDNRYISIFKGLKNLTRLDLSLNRLKHIPNEAFLNL
PASLTELHINDNMLKFFNWTLLQQFPRLELLDLRGNKLLFLTDSLSDFTSSLRTLLLSHNRISHLPSGFLSEVSSLKHLD
LSSNLLKTINKSALETKTTTKLSMLELHGNPFECTCDIGDFRRWMDEHLNVKIPRLVDVICASPGDQRGKSIVSLELTTC
VSDVTEFLVPR
;
_entity_poly.pdbx_strand_id   A
#
loop_
_chem_comp.id
_chem_comp.type
_chem_comp.name
_chem_comp.formula
BMA D-saccharide, beta linking beta-D-mannopyranose 'C6 H12 O6'
M0A non-polymer 1-[[3-(aminomethyl)phenyl]methyl]-2-butyl-imidazo[4,5-c]quinolin-4-amine 'C22 H25 N5'
MAN D-saccharide, alpha linking alpha-D-mannopyranose 'C6 H12 O6'
NAG D-saccharide, beta linking 2-acetamido-2-deoxy-beta-D-glucopyranose 'C8 H15 N O6'
#
# COMPACT_ATOMS: atom_id res chain seq x y z
N SER A 9 -17.49 -9.18 -30.71
CA SER A 9 -18.15 -8.08 -29.97
C SER A 9 -17.32 -7.72 -28.72
N ARG A 10 -16.74 -6.53 -28.74
CA ARG A 10 -16.03 -5.91 -27.58
C ARG A 10 -16.97 -5.74 -26.38
N SER A 11 -16.61 -6.32 -25.22
CA SER A 11 -17.57 -6.49 -24.11
C SER A 11 -17.93 -5.19 -23.41
N TYR A 12 -19.09 -5.22 -22.77
CA TYR A 12 -19.70 -4.01 -22.27
C TYR A 12 -20.88 -4.39 -21.41
N PRO A 13 -21.04 -3.77 -20.23
CA PRO A 13 -20.25 -2.69 -19.65
C PRO A 13 -19.02 -3.16 -18.91
N CYS A 14 -18.79 -4.45 -18.84
CA CYS A 14 -17.69 -4.97 -18.05
C CYS A 14 -16.48 -5.06 -18.94
N ASP A 15 -15.30 -5.07 -18.31
CA ASP A 15 -14.03 -5.37 -18.99
C ASP A 15 -13.69 -6.83 -18.69
N GLU A 16 -13.48 -7.65 -19.71
CA GLU A 16 -13.23 -9.08 -19.52
C GLU A 16 -11.78 -9.34 -19.65
N LYS A 17 -11.33 -10.49 -19.17
CA LYS A 17 -9.90 -10.75 -19.03
C LYS A 17 -9.54 -12.24 -19.09
N LYS A 18 -8.62 -12.55 -20.00
CA LYS A 18 -7.57 -13.57 -19.81
C LYS A 18 -7.75 -14.61 -18.68
N GLN A 19 -6.73 -14.79 -17.83
CA GLN A 19 -6.68 -15.86 -16.82
C GLN A 19 -6.77 -15.24 -15.44
N SER A 22 -9.44 -19.43 -16.17
CA SER A 22 -10.56 -18.64 -15.63
C SER A 22 -10.68 -17.25 -16.25
N VAL A 23 -11.91 -16.77 -16.42
CA VAL A 23 -12.16 -15.53 -17.19
C VAL A 23 -12.94 -14.45 -16.41
N ILE A 24 -12.32 -13.28 -16.22
CA ILE A 24 -12.83 -12.29 -15.28
C ILE A 24 -13.70 -11.21 -15.92
N ALA A 25 -14.86 -10.96 -15.34
CA ALA A 25 -15.61 -9.76 -15.70
C ALA A 25 -15.30 -8.69 -14.67
N GLU A 26 -14.48 -7.72 -15.05
CA GLU A 26 -14.18 -6.56 -14.21
C GLU A 26 -15.33 -5.59 -14.48
N CYS A 27 -16.23 -5.48 -13.51
CA CYS A 27 -17.44 -4.70 -13.70
C CYS A 27 -17.70 -3.72 -12.52
N SER A 28 -16.67 -3.43 -11.76
CA SER A 28 -16.80 -2.63 -10.55
C SER A 28 -16.83 -1.13 -10.85
N ASN A 29 -17.59 -0.38 -10.06
CA ASN A 29 -17.37 1.05 -9.97
C ASN A 29 -17.68 1.81 -11.28
N ARG A 30 -18.74 1.43 -11.95
CA ARG A 30 -19.10 2.04 -13.18
C ARG A 30 -20.56 2.45 -13.20
N ARG A 31 -21.08 2.71 -12.00
CA ARG A 31 -22.38 3.30 -11.80
C ARG A 31 -23.56 2.46 -12.29
N LEU A 32 -23.44 1.14 -12.26
CA LEU A 32 -24.55 0.26 -12.70
C LEU A 32 -25.68 0.21 -11.69
N GLN A 33 -26.89 0.14 -12.22
CA GLN A 33 -28.14 0.10 -11.44
C GLN A 33 -28.71 -1.31 -11.30
N GLU A 34 -28.29 -2.22 -12.16
CA GLU A 34 -28.80 -3.57 -12.15
C GLU A 34 -27.66 -4.47 -12.54
N VAL A 35 -27.76 -5.77 -12.23
CA VAL A 35 -26.81 -6.73 -12.80
C VAL A 35 -27.03 -6.65 -14.30
N PRO A 36 -26.02 -6.18 -15.04
CA PRO A 36 -26.21 -5.91 -16.45
C PRO A 36 -26.37 -7.23 -17.16
N GLN A 37 -27.10 -7.24 -18.28
CA GLN A 37 -27.50 -8.51 -18.89
C GLN A 37 -26.65 -8.94 -20.07
N THR A 38 -25.54 -8.24 -20.28
CA THR A 38 -24.68 -8.43 -21.42
C THR A 38 -23.34 -8.98 -21.00
N VAL A 39 -23.33 -9.81 -19.96
CA VAL A 39 -22.10 -10.47 -19.49
C VAL A 39 -21.73 -11.71 -20.33
N GLY A 40 -20.45 -11.87 -20.68
CA GLY A 40 -19.99 -12.94 -21.55
C GLY A 40 -20.34 -14.27 -20.94
N LYS A 41 -20.97 -15.16 -21.70
CA LYS A 41 -21.53 -16.39 -21.08
C LYS A 41 -20.43 -17.38 -20.62
N TYR A 42 -19.19 -17.04 -20.95
CA TYR A 42 -18.04 -17.87 -20.59
C TYR A 42 -17.36 -17.35 -19.29
N VAL A 43 -17.90 -16.27 -18.69
CA VAL A 43 -17.31 -15.60 -17.53
C VAL A 43 -17.37 -16.47 -16.29
N THR A 44 -16.26 -16.63 -15.58
CA THR A 44 -16.26 -17.47 -14.37
C THR A 44 -16.31 -16.60 -13.08
N GLU A 45 -15.74 -15.40 -13.14
CA GLU A 45 -15.67 -14.52 -11.98
C GLU A 45 -16.18 -13.12 -12.35
N LEU A 46 -17.19 -12.67 -11.61
CA LEU A 46 -17.93 -11.45 -11.90
C LEU A 46 -17.83 -10.48 -10.72
N ASP A 47 -17.20 -9.32 -10.93
CA ASP A 47 -17.00 -8.30 -9.89
C ASP A 47 -17.92 -7.14 -10.19
N LEU A 48 -18.94 -7.02 -9.37
CA LEU A 48 -19.96 -6.00 -9.52
C LEU A 48 -19.91 -5.00 -8.36
N SER A 49 -18.78 -4.96 -7.66
CA SER A 49 -18.67 -4.15 -6.45
C SER A 49 -18.62 -2.66 -6.75
N ASP A 50 -19.10 -1.86 -5.80
CA ASP A 50 -19.12 -0.40 -5.87
C ASP A 50 -19.97 0.11 -7.00
N ASN A 51 -21.17 -0.42 -7.16
CA ASN A 51 -22.08 0.17 -8.12
C ASN A 51 -23.29 0.70 -7.37
N PHE A 52 -24.37 0.97 -8.09
CA PHE A 52 -25.63 1.38 -7.51
C PHE A 52 -26.70 0.30 -7.61
N ILE A 53 -26.29 -0.95 -7.41
CA ILE A 53 -27.19 -2.07 -7.55
C ILE A 53 -28.00 -2.19 -6.28
N THR A 54 -29.32 -2.26 -6.41
CA THR A 54 -30.24 -2.33 -5.26
C THR A 54 -31.09 -3.59 -5.11
N HIS A 55 -31.27 -4.32 -6.22
CA HIS A 55 -32.08 -5.56 -6.20
C HIS A 55 -31.36 -6.70 -6.88
N ILE A 56 -31.45 -7.87 -6.26
CA ILE A 56 -30.94 -9.14 -6.79
C ILE A 56 -32.09 -10.16 -6.74
N THR A 57 -32.32 -10.81 -7.87
CA THR A 57 -33.38 -11.80 -8.05
C THR A 57 -32.88 -13.01 -8.82
N ASN A 58 -33.74 -14.01 -8.94
CA ASN A 58 -33.40 -15.21 -9.69
C ASN A 58 -33.16 -14.97 -11.19
N GLU A 59 -33.46 -13.77 -11.69
CA GLU A 59 -33.20 -13.46 -13.10
C GLU A 59 -31.84 -12.78 -13.25
N SER A 60 -31.26 -12.37 -12.11
CA SER A 60 -30.12 -11.45 -12.15
C SER A 60 -28.93 -12.07 -12.85
N PHE A 61 -28.66 -13.33 -12.53
CA PHE A 61 -27.46 -14.00 -13.07
C PHE A 61 -27.75 -15.12 -14.07
N GLN A 62 -29.04 -15.40 -14.27
CA GLN A 62 -29.53 -16.40 -15.22
C GLN A 62 -28.76 -16.44 -16.55
N GLY A 63 -28.35 -17.65 -16.92
CA GLY A 63 -27.55 -17.83 -18.11
C GLY A 63 -26.12 -17.38 -17.90
N LEU A 64 -25.70 -17.37 -16.64
CA LEU A 64 -24.30 -17.24 -16.30
C LEU A 64 -24.02 -18.36 -15.34
N GLN A 65 -24.27 -19.58 -15.82
CA GLN A 65 -24.28 -20.78 -14.99
C GLN A 65 -22.86 -21.27 -14.66
N ASN A 66 -21.89 -20.80 -15.43
CA ASN A 66 -20.49 -21.06 -15.14
C ASN A 66 -19.86 -20.06 -14.12
N LEU A 67 -20.69 -19.32 -13.39
CA LEU A 67 -20.17 -18.38 -12.36
C LEU A 67 -19.62 -19.13 -11.12
N THR A 68 -18.33 -18.90 -10.86
CA THR A 68 -17.64 -19.47 -9.68
C THR A 68 -17.61 -18.47 -8.51
N LYS A 69 -17.33 -17.20 -8.80
CA LYS A 69 -17.18 -16.14 -7.81
C LYS A 69 -18.03 -14.93 -8.24
N ILE A 70 -18.85 -14.42 -7.32
CA ILE A 70 -19.52 -13.12 -7.49
C ILE A 70 -19.16 -12.15 -6.32
N ASN A 71 -18.66 -10.96 -6.66
CA ASN A 71 -18.38 -9.89 -5.71
C ASN A 71 -19.43 -8.80 -5.85
N LEU A 72 -20.32 -8.73 -4.88
CA LEU A 72 -21.32 -7.63 -4.79
C LEU A 72 -21.03 -6.63 -3.64
N ASN A 73 -19.80 -6.61 -3.15
CA ASN A 73 -19.46 -5.66 -2.07
C ASN A 73 -19.87 -4.22 -2.43
N HIS A 74 -20.46 -3.51 -1.47
CA HIS A 74 -20.53 -2.02 -1.53
C HIS A 74 -21.55 -1.58 -2.61
N ASN A 75 -22.72 -2.22 -2.61
CA ASN A 75 -23.86 -1.86 -3.45
C ASN A 75 -25.05 -1.70 -2.53
N PRO A 76 -25.89 -0.69 -2.76
CA PRO A 76 -25.67 0.45 -3.62
C PRO A 76 -24.73 1.41 -2.88
N ASN A 77 -24.15 2.39 -3.56
CA ASN A 77 -23.45 3.48 -2.83
C ASN A 77 -24.36 4.66 -2.36
N VAL A 78 -24.95 4.51 -1.16
CA VAL A 78 -25.76 5.55 -0.51
C VAL A 78 -26.97 6.00 -1.33
N GLY A 91 -29.55 -0.01 1.06
CA GLY A 91 -29.75 -1.43 1.41
C GLY A 91 -29.93 -2.33 0.16
N LEU A 92 -29.16 -3.41 0.03
CA LEU A 92 -29.30 -4.30 -1.15
C LEU A 92 -30.46 -5.28 -0.94
N ASN A 93 -31.34 -5.44 -1.92
CA ASN A 93 -32.44 -6.40 -1.77
C ASN A 93 -32.20 -7.72 -2.51
N ILE A 94 -32.15 -8.80 -1.74
CA ILE A 94 -31.88 -10.12 -2.30
C ILE A 94 -33.06 -11.03 -2.01
N THR A 95 -33.78 -11.44 -3.06
CA THR A 95 -34.92 -12.37 -2.91
C THR A 95 -34.43 -13.72 -2.38
N ASP A 96 -35.34 -14.44 -1.71
CA ASP A 96 -35.10 -15.83 -1.30
C ASP A 96 -34.66 -16.60 -2.49
N GLY A 97 -33.65 -17.43 -2.28
CA GLY A 97 -33.15 -18.29 -3.34
C GLY A 97 -32.58 -17.61 -4.56
N ALA A 98 -32.55 -16.28 -4.57
CA ALA A 98 -32.04 -15.54 -5.72
C ALA A 98 -30.83 -16.20 -6.42
N PHE A 99 -29.91 -16.81 -5.67
CA PHE A 99 -28.66 -17.35 -6.24
C PHE A 99 -28.69 -18.86 -6.47
N LEU A 100 -29.69 -19.51 -5.90
CA LEU A 100 -29.80 -20.98 -5.80
C LEU A 100 -29.55 -21.75 -7.11
N ASN A 101 -29.80 -21.13 -8.25
CA ASN A 101 -29.41 -21.70 -9.57
C ASN A 101 -27.94 -22.00 -9.72
N LEU A 102 -27.08 -21.04 -9.40
CA LEU A 102 -25.67 -21.08 -9.83
C LEU A 102 -24.89 -22.24 -9.18
N LYS A 103 -25.05 -23.40 -9.81
CA LYS A 103 -24.61 -24.69 -9.31
C LYS A 103 -23.13 -24.66 -9.03
N ASN A 104 -22.37 -23.91 -9.84
CA ASN A 104 -20.90 -23.76 -9.69
C ASN A 104 -20.37 -22.60 -8.81
N LEU A 105 -21.28 -21.86 -8.16
CA LEU A 105 -20.91 -20.71 -7.30
C LEU A 105 -20.20 -21.16 -6.01
N ARG A 106 -18.95 -20.73 -5.86
CA ARG A 106 -18.10 -21.14 -4.73
C ARG A 106 -17.84 -19.97 -3.77
N GLU A 107 -17.66 -18.76 -4.31
CA GLU A 107 -17.29 -17.61 -3.51
C GLU A 107 -18.32 -16.51 -3.72
N LEU A 108 -19.00 -16.08 -2.67
CA LEU A 108 -19.97 -14.97 -2.79
C LEU A 108 -19.64 -13.89 -1.79
N LEU A 109 -19.42 -12.68 -2.28
CA LEU A 109 -18.90 -11.63 -1.43
C LEU A 109 -19.98 -10.56 -1.32
N LEU A 110 -20.51 -10.38 -0.11
CA LEU A 110 -21.65 -9.51 0.10
C LEU A 110 -21.42 -8.52 1.24
N GLU A 111 -20.25 -7.88 1.19
CA GLU A 111 -19.82 -6.94 2.21
C GLU A 111 -20.43 -5.57 2.02
N ASP A 112 -20.75 -4.94 3.15
CA ASP A 112 -21.07 -3.55 3.13
C ASP A 112 -22.31 -3.33 2.30
N ASN A 113 -23.32 -4.17 2.54
CA ASN A 113 -24.52 -4.10 1.77
C ASN A 113 -25.70 -3.64 2.60
N GLN A 114 -25.48 -3.39 3.88
CA GLN A 114 -26.55 -3.11 4.85
C GLN A 114 -27.62 -4.22 4.87
N LEU A 115 -27.17 -5.47 4.82
CA LEU A 115 -28.12 -6.57 4.82
C LEU A 115 -28.63 -6.69 6.25
N PRO A 116 -29.98 -6.84 6.42
CA PRO A 116 -30.63 -7.06 7.70
C PRO A 116 -30.56 -8.49 8.25
N GLN A 117 -30.28 -9.46 7.38
CA GLN A 117 -30.29 -10.92 7.65
C GLN A 117 -29.32 -11.64 6.75
N ILE A 118 -28.93 -12.86 7.09
CA ILE A 118 -28.31 -13.71 6.07
C ILE A 118 -29.35 -13.95 4.98
N PRO A 119 -28.98 -13.77 3.74
CA PRO A 119 -30.03 -14.00 2.76
C PRO A 119 -30.46 -15.48 2.69
N SER A 120 -31.75 -15.71 2.52
CA SER A 120 -32.31 -17.07 2.50
C SER A 120 -32.09 -17.82 1.19
N GLY A 121 -31.84 -19.12 1.32
CA GLY A 121 -31.71 -19.99 0.15
C GLY A 121 -30.45 -19.78 -0.67
N LEU A 122 -29.32 -19.63 0.02
CA LEU A 122 -28.05 -19.61 -0.67
C LEU A 122 -27.68 -21.01 -1.16
N PRO A 123 -26.94 -21.09 -2.29
CA PRO A 123 -26.56 -22.36 -2.89
C PRO A 123 -25.50 -23.12 -2.09
N GLU A 124 -25.81 -24.39 -1.86
CA GLU A 124 -25.00 -25.32 -1.05
C GLU A 124 -23.61 -25.55 -1.65
N SER A 125 -23.40 -25.11 -2.89
CA SER A 125 -22.10 -25.16 -3.53
C SER A 125 -21.04 -24.20 -2.87
N LEU A 126 -21.51 -23.18 -2.13
CA LEU A 126 -20.64 -22.18 -1.47
C LEU A 126 -19.53 -22.76 -0.62
N THR A 127 -18.27 -22.43 -0.98
CA THR A 127 -17.13 -22.63 -0.10
C THR A 127 -16.64 -21.31 0.61
N GLU A 128 -17.01 -20.16 0.07
CA GLU A 128 -16.64 -18.87 0.64
C GLU A 128 -17.74 -17.85 0.64
N LEU A 129 -18.11 -17.40 1.84
CA LEU A 129 -19.18 -16.41 2.04
C LEU A 129 -18.72 -15.27 2.98
N SER A 130 -18.69 -14.04 2.46
CA SER A 130 -18.32 -12.89 3.27
C SER A 130 -19.48 -11.95 3.45
N LEU A 131 -19.95 -11.80 4.69
CA LEU A 131 -21.02 -10.84 4.99
C LEU A 131 -20.54 -9.77 5.96
N ILE A 132 -19.25 -9.43 5.88
CA ILE A 132 -18.64 -8.30 6.67
C ILE A 132 -19.38 -6.98 6.46
N GLN A 133 -19.56 -6.23 7.55
CA GLN A 133 -20.07 -4.87 7.49
C GLN A 133 -21.48 -4.81 6.92
N ASN A 134 -22.37 -5.57 7.52
CA ASN A 134 -23.78 -5.52 7.22
C ASN A 134 -24.51 -5.21 8.55
N ASN A 135 -25.81 -5.53 8.63
CA ASN A 135 -26.64 -5.31 9.83
C ASN A 135 -27.32 -6.58 10.34
N ILE A 136 -26.53 -7.64 10.40
CA ILE A 136 -27.02 -8.95 10.71
C ILE A 136 -26.71 -9.26 12.17
N TYR A 137 -27.73 -9.38 13.02
CA TYR A 137 -27.56 -9.62 14.45
C TYR A 137 -28.07 -11.02 14.83
N ASN A 138 -28.40 -11.81 13.82
CA ASN A 138 -29.02 -13.09 14.01
C ASN A 138 -28.36 -14.08 13.08
N ILE A 139 -27.64 -15.05 13.61
CA ILE A 139 -27.03 -16.06 12.79
C ILE A 139 -27.83 -17.34 13.04
N THR A 140 -28.56 -17.80 12.00
CA THR A 140 -29.54 -18.91 12.13
C THR A 140 -29.17 -20.14 11.31
N LYS A 141 -29.62 -21.30 11.80
CA LYS A 141 -29.60 -22.57 11.05
C LYS A 141 -30.18 -22.42 9.68
N GLU A 142 -31.29 -21.72 9.64
CA GLU A 142 -32.03 -21.52 8.42
C GLU A 142 -31.15 -20.93 7.30
N GLY A 143 -30.37 -19.90 7.63
CA GLY A 143 -29.56 -19.22 6.65
C GLY A 143 -28.23 -19.90 6.41
N ILE A 144 -27.72 -20.66 7.39
CA ILE A 144 -26.34 -21.19 7.35
C ILE A 144 -26.21 -22.71 7.32
N SER A 145 -27.05 -23.42 8.08
CA SER A 145 -26.72 -24.80 8.42
C SER A 145 -26.65 -25.75 7.21
N ARG A 146 -27.35 -25.41 6.14
CA ARG A 146 -27.27 -26.18 4.90
C ARG A 146 -25.99 -25.98 4.07
N LEU A 147 -25.27 -24.88 4.30
CA LEU A 147 -24.07 -24.57 3.50
C LEU A 147 -22.92 -25.45 4.01
N ILE A 148 -23.01 -26.71 3.62
CA ILE A 148 -22.24 -27.80 4.21
C ILE A 148 -20.86 -27.83 3.62
N ASN A 149 -20.67 -27.22 2.45
CA ASN A 149 -19.35 -27.09 1.87
C ASN A 149 -18.57 -25.81 2.33
N LEU A 150 -19.14 -24.97 3.19
CA LEU A 150 -18.42 -23.71 3.54
C LEU A 150 -17.09 -23.99 4.14
N LYS A 151 -16.03 -23.36 3.62
CA LYS A 151 -14.71 -23.41 4.27
C LYS A 151 -14.38 -22.12 5.02
N ASN A 152 -14.55 -20.98 4.34
CA ASN A 152 -14.38 -19.69 4.97
C ASN A 152 -15.70 -18.93 5.13
N LEU A 153 -16.08 -18.66 6.37
CA LEU A 153 -17.27 -17.85 6.70
C LEU A 153 -16.94 -16.54 7.48
N TYR A 154 -17.18 -15.40 6.82
CA TYR A 154 -16.80 -14.10 7.38
C TYR A 154 -18.03 -13.33 7.81
N LEU A 155 -18.22 -13.12 9.12
CA LEU A 155 -19.35 -12.32 9.64
C LEU A 155 -18.93 -11.11 10.48
N ALA A 156 -17.70 -10.69 10.36
CA ALA A 156 -17.20 -9.64 11.20
C ALA A 156 -17.83 -8.29 10.97
N TRP A 157 -17.69 -7.43 11.98
CA TRP A 157 -18.02 -6.03 11.83
C TRP A 157 -19.44 -5.77 11.47
N ASN A 158 -20.37 -6.53 12.06
CA ASN A 158 -21.79 -6.20 12.00
C ASN A 158 -22.35 -5.33 13.16
N CYS A 159 -21.79 -5.45 14.35
CA CYS A 159 -22.27 -4.67 15.53
C CYS A 159 -21.04 -4.24 16.33
N TYR A 160 -20.79 -2.94 16.40
CA TYR A 160 -19.54 -2.52 17.02
C TYR A 160 -19.53 -1.05 17.39
N PHE A 161 -18.52 -0.63 18.17
CA PHE A 161 -18.36 0.78 18.54
C PHE A 161 -19.71 1.41 18.95
N ASN A 162 -20.09 2.55 18.37
CA ASN A 162 -21.35 3.17 18.76
C ASN A 162 -22.38 2.98 17.71
N LYS A 163 -22.26 1.94 16.92
CA LYS A 163 -23.29 1.68 15.89
C LYS A 163 -24.58 1.35 16.62
N VAL A 164 -25.71 1.82 16.12
CA VAL A 164 -26.99 1.37 16.68
C VAL A 164 -27.30 -0.03 16.13
N CYS A 165 -27.12 -1.01 16.99
CA CYS A 165 -27.21 -2.38 16.57
C CYS A 165 -27.57 -3.21 17.78
N GLU A 166 -27.91 -4.47 17.51
CA GLU A 166 -28.31 -5.45 18.52
C GLU A 166 -27.21 -6.44 18.85
N LYS A 167 -27.25 -6.93 20.09
CA LYS A 167 -26.40 -8.03 20.52
C LYS A 167 -26.58 -9.14 19.50
N THR A 168 -25.54 -9.93 19.23
CA THR A 168 -25.74 -10.94 18.19
C THR A 168 -26.13 -12.27 18.75
N ASN A 169 -27.26 -12.73 18.21
CA ASN A 169 -27.89 -14.01 18.50
C ASN A 169 -27.41 -15.06 17.50
N ILE A 170 -26.69 -16.04 18.03
CA ILE A 170 -26.19 -17.18 17.32
C ILE A 170 -27.05 -18.41 17.69
N GLU A 171 -27.91 -18.87 16.79
CA GLU A 171 -28.64 -20.13 17.00
C GLU A 171 -27.71 -21.27 17.45
N ASP A 172 -28.08 -21.91 18.56
CA ASP A 172 -27.28 -22.92 19.17
C ASP A 172 -27.09 -24.01 18.16
N GLY A 173 -25.86 -24.48 18.02
CA GLY A 173 -25.51 -25.47 17.04
C GLY A 173 -25.41 -25.00 15.61
N VAL A 174 -25.67 -23.72 15.30
CA VAL A 174 -25.74 -23.26 13.89
C VAL A 174 -24.55 -23.59 13.00
N PHE A 175 -23.34 -23.59 13.57
CA PHE A 175 -22.10 -23.88 12.83
C PHE A 175 -21.75 -25.40 12.85
N GLU A 176 -22.54 -26.24 13.53
CA GLU A 176 -22.13 -27.61 13.88
C GLU A 176 -22.12 -28.51 12.67
N THR A 177 -23.08 -28.27 11.79
CA THR A 177 -23.22 -29.00 10.57
C THR A 177 -22.17 -28.66 9.52
N LEU A 178 -21.33 -27.64 9.77
CA LEU A 178 -20.36 -27.15 8.78
C LEU A 178 -18.99 -27.80 9.01
N THR A 179 -18.87 -29.04 8.57
CA THR A 179 -17.75 -29.91 8.97
C THR A 179 -16.56 -29.74 8.05
N ASN A 180 -16.71 -28.93 7.02
CA ASN A 180 -15.57 -28.48 6.23
C ASN A 180 -15.03 -27.07 6.60
N LEU A 181 -15.58 -26.44 7.63
CA LEU A 181 -15.23 -25.03 7.97
C LEU A 181 -13.86 -24.92 8.58
N GLU A 182 -12.98 -24.17 7.92
CA GLU A 182 -11.59 -23.98 8.34
C GLU A 182 -11.32 -22.57 8.90
N LEU A 183 -12.19 -21.61 8.61
CA LEU A 183 -12.00 -20.23 9.05
C LEU A 183 -13.34 -19.67 9.38
N LEU A 184 -13.43 -19.11 10.58
CA LEU A 184 -14.66 -18.48 11.00
C LEU A 184 -14.31 -17.18 11.68
N SER A 185 -14.88 -16.07 11.16
CA SER A 185 -14.60 -14.74 11.69
C SER A 185 -15.82 -14.04 12.25
N LEU A 186 -15.86 -13.82 13.56
CA LEU A 186 -17.01 -13.13 14.17
C LEU A 186 -16.62 -11.83 14.88
N SER A 187 -15.39 -11.38 14.67
CA SER A 187 -14.92 -10.13 15.22
C SER A 187 -15.82 -8.94 15.02
N PHE A 188 -15.76 -8.04 15.98
CA PHE A 188 -16.53 -6.79 15.90
C PHE A 188 -18.01 -7.07 15.75
N ASN A 189 -18.46 -7.92 16.67
CA ASN A 189 -19.87 -8.16 16.97
C ASN A 189 -19.97 -8.36 18.47
N SER A 190 -21.14 -8.07 19.04
CA SER A 190 -21.35 -8.33 20.45
C SER A 190 -21.78 -9.77 20.69
N LEU A 191 -20.86 -10.58 21.24
CA LEU A 191 -21.07 -11.99 21.47
C LEU A 191 -21.25 -12.39 22.95
N SER A 192 -20.42 -11.85 23.85
CA SER A 192 -20.50 -12.15 25.28
C SER A 192 -19.92 -13.49 25.65
N HIS A 193 -20.18 -14.53 24.83
CA HIS A 193 -19.63 -15.88 25.06
C HIS A 193 -19.08 -16.45 23.79
N VAL A 194 -18.13 -17.36 23.89
CA VAL A 194 -17.66 -18.10 22.73
C VAL A 194 -18.78 -19.07 22.33
N PRO A 195 -19.20 -19.10 21.06
CA PRO A 195 -20.37 -19.95 20.82
C PRO A 195 -20.03 -21.41 21.04
N PRO A 196 -21.01 -22.18 21.54
CA PRO A 196 -20.81 -23.64 21.71
C PRO A 196 -20.89 -24.32 20.36
N LYS A 197 -20.42 -25.55 20.33
CA LYS A 197 -20.64 -26.44 19.18
C LYS A 197 -20.13 -25.84 17.88
N LEU A 198 -18.83 -25.59 17.91
CA LEU A 198 -18.04 -25.18 16.78
C LEU A 198 -17.46 -26.43 16.13
N PRO A 199 -17.35 -26.43 14.79
CA PRO A 199 -16.73 -27.54 14.05
C PRO A 199 -15.30 -27.82 14.44
N SER A 200 -14.93 -29.08 14.55
CA SER A 200 -13.56 -29.43 14.87
C SER A 200 -12.65 -29.28 13.66
N SER A 201 -13.24 -28.97 12.49
CA SER A 201 -12.45 -28.62 11.31
C SER A 201 -11.70 -27.27 11.34
N LEU A 202 -11.99 -26.39 12.30
CA LEU A 202 -11.44 -25.02 12.33
C LEU A 202 -9.94 -24.94 12.38
N ARG A 203 -9.37 -24.10 11.50
CA ARG A 203 -7.91 -23.81 11.53
C ARG A 203 -7.65 -22.38 12.05
N LYS A 204 -8.67 -21.54 11.96
CA LYS A 204 -8.54 -20.11 12.17
C LYS A 204 -9.83 -19.59 12.72
N LEU A 205 -9.78 -19.07 13.94
CA LEU A 205 -10.99 -18.59 14.61
C LEU A 205 -10.71 -17.16 15.06
N PHE A 206 -11.52 -16.23 14.54
CA PHE A 206 -11.43 -14.81 14.83
C PHE A 206 -12.59 -14.29 15.68
N LEU A 207 -12.25 -13.93 16.91
CA LEU A 207 -13.20 -13.42 17.88
C LEU A 207 -12.63 -12.15 18.53
N SER A 208 -12.16 -11.19 17.72
CA SER A 208 -11.68 -9.91 18.24
C SER A 208 -12.86 -9.00 18.53
N ASN A 209 -12.76 -8.26 19.65
CA ASN A 209 -13.75 -7.25 19.98
C ASN A 209 -15.15 -7.83 19.90
N THR A 210 -15.36 -8.88 20.66
CA THR A 210 -16.69 -9.51 20.69
C THR A 210 -17.34 -9.43 22.07
N GLN A 211 -16.73 -8.65 22.96
CA GLN A 211 -17.27 -8.50 24.32
C GLN A 211 -17.33 -9.78 25.14
N ILE A 212 -16.35 -10.66 24.94
CA ILE A 212 -16.24 -11.87 25.72
C ILE A 212 -15.30 -11.55 26.82
N LYS A 213 -15.63 -11.94 28.04
CA LYS A 213 -14.85 -11.55 29.22
C LYS A 213 -14.20 -12.74 29.89
N TYR A 214 -14.73 -13.93 29.57
CA TYR A 214 -14.29 -15.16 30.18
C TYR A 214 -14.13 -16.24 29.13
N ILE A 215 -12.97 -16.89 29.13
CA ILE A 215 -12.71 -18.05 28.32
C ILE A 215 -12.61 -19.32 29.17
N SER A 216 -13.61 -20.17 29.09
CA SER A 216 -13.63 -21.42 29.89
C SER A 216 -12.88 -22.57 29.24
N GLU A 217 -12.78 -23.65 29.99
CA GLU A 217 -12.18 -24.88 29.54
C GLU A 217 -12.90 -25.57 28.37
N GLU A 218 -14.23 -25.47 28.32
CA GLU A 218 -15.01 -26.09 27.26
C GLU A 218 -14.92 -25.33 25.94
N ASP A 219 -14.60 -24.03 25.98
CA ASP A 219 -14.73 -23.12 24.79
C ASP A 219 -14.01 -23.58 23.46
N PHE A 220 -12.78 -24.06 23.57
CA PHE A 220 -11.96 -24.50 22.45
C PHE A 220 -11.55 -25.96 22.55
N LYS A 221 -12.25 -26.75 23.38
CA LYS A 221 -11.70 -28.06 23.77
C LYS A 221 -11.54 -28.98 22.59
N GLY A 222 -12.48 -28.92 21.66
CA GLY A 222 -12.45 -29.82 20.50
C GLY A 222 -11.90 -29.26 19.20
N LEU A 223 -10.97 -28.31 19.29
CA LEU A 223 -10.46 -27.58 18.13
C LEU A 223 -9.00 -27.90 17.90
N ILE A 224 -8.73 -29.20 17.77
CA ILE A 224 -7.38 -29.70 17.67
C ILE A 224 -6.71 -29.40 16.30
N ASN A 225 -7.41 -28.84 15.32
CA ASN A 225 -6.74 -28.33 14.11
C ASN A 225 -6.41 -26.81 14.07
N LEU A 226 -6.79 -26.09 15.11
CA LEU A 226 -6.61 -24.63 15.18
C LEU A 226 -5.13 -24.25 15.13
N THR A 227 -4.82 -23.40 14.16
CA THR A 227 -3.49 -22.80 14.03
C THR A 227 -3.51 -21.31 14.42
N LEU A 228 -4.69 -20.72 14.49
CA LEU A 228 -4.82 -19.33 14.79
C LEU A 228 -5.98 -19.06 15.68
N LEU A 229 -5.75 -18.28 16.74
CA LEU A 229 -6.83 -17.82 17.62
C LEU A 229 -6.64 -16.36 17.91
N ASP A 230 -7.65 -15.56 17.62
CA ASP A 230 -7.60 -14.11 17.83
C ASP A 230 -8.61 -13.76 18.88
N LEU A 231 -8.15 -13.45 20.09
CA LEU A 231 -9.08 -13.03 21.18
C LEU A 231 -8.91 -11.56 21.60
N SER A 232 -8.18 -10.81 20.74
CA SER A 232 -7.81 -9.40 20.97
C SER A 232 -8.99 -8.54 21.31
N GLY A 233 -8.77 -7.46 22.04
CA GLY A 233 -9.92 -6.52 22.21
C GLY A 233 -11.15 -6.91 23.04
N ASN A 234 -11.00 -7.93 23.86
CA ASN A 234 -12.06 -8.35 24.80
C ASN A 234 -11.48 -8.04 26.16
N CYS A 235 -12.20 -7.24 26.97
CA CYS A 235 -11.63 -6.47 28.10
C CYS A 235 -10.47 -5.60 27.63
N PRO A 236 -10.77 -4.65 26.76
CA PRO A 236 -9.75 -3.82 26.19
C PRO A 236 -9.12 -2.83 27.18
N ARG A 237 -7.91 -2.41 26.86
CA ARG A 237 -7.26 -1.34 27.58
C ARG A 237 -7.71 -0.06 26.88
N CYS A 238 -8.54 0.76 27.51
CA CYS A 238 -9.22 1.82 26.81
C CYS A 238 -8.59 3.20 26.85
N PHE A 239 -7.61 3.44 27.70
CA PHE A 239 -7.07 4.81 27.80
C PHE A 239 -6.56 5.25 26.43
N ASN A 240 -7.00 6.37 25.93
CA ASN A 240 -6.46 6.95 24.68
C ASN A 240 -6.70 6.13 23.42
N ALA A 241 -7.77 5.35 23.42
CA ALA A 241 -8.12 4.55 22.29
C ALA A 241 -8.58 5.48 21.15
N PRO A 242 -8.20 5.19 19.91
CA PRO A 242 -8.72 5.96 18.79
C PRO A 242 -10.07 5.45 18.27
N PHE A 243 -10.86 4.82 19.13
CA PHE A 243 -12.22 4.36 18.76
C PHE A 243 -13.09 4.28 20.02
N PRO A 244 -14.44 4.27 19.90
CA PRO A 244 -15.23 3.99 21.11
C PRO A 244 -14.87 2.63 21.77
N CYS A 245 -14.67 2.61 23.05
CA CYS A 245 -14.01 1.48 23.66
C CYS A 245 -14.63 1.33 25.04
N VAL A 246 -15.12 0.12 25.34
CA VAL A 246 -15.86 -0.19 26.55
C VAL A 246 -15.02 -1.18 27.36
N PRO A 247 -14.44 -0.74 28.48
CA PRO A 247 -13.70 -1.71 29.31
C PRO A 247 -14.58 -2.73 30.08
N CYS A 248 -13.94 -3.79 30.57
CA CYS A 248 -14.55 -4.76 31.51
C CYS A 248 -14.57 -4.04 32.87
N ASP A 249 -15.55 -4.33 33.71
CA ASP A 249 -15.70 -3.57 34.95
C ASP A 249 -14.37 -3.43 35.66
N GLY A 250 -14.09 -2.20 36.07
CA GLY A 250 -12.83 -1.86 36.69
C GLY A 250 -11.64 -1.99 35.79
N GLY A 251 -11.82 -1.79 34.49
CA GLY A 251 -10.80 -2.18 33.49
C GLY A 251 -10.09 -3.52 33.78
N ALA A 252 -10.87 -4.51 34.23
CA ALA A 252 -10.25 -5.82 34.53
C ALA A 252 -9.80 -6.56 33.24
N SER A 253 -8.94 -7.54 33.49
CA SER A 253 -8.39 -8.44 32.52
C SER A 253 -9.42 -9.38 31.97
N ILE A 254 -9.07 -9.98 30.84
CA ILE A 254 -9.83 -11.08 30.29
C ILE A 254 -9.55 -12.19 31.29
N ASN A 255 -10.56 -13.01 31.50
CA ASN A 255 -10.39 -14.17 32.37
C ASN A 255 -10.27 -15.43 31.54
N ILE A 256 -9.08 -15.99 31.48
CA ILE A 256 -8.86 -17.16 30.68
C ILE A 256 -8.55 -18.34 31.62
N ASP A 257 -9.47 -19.30 31.69
CA ASP A 257 -9.26 -20.53 32.45
C ASP A 257 -7.89 -21.17 32.19
N ARG A 258 -7.28 -21.67 33.25
CA ARG A 258 -5.99 -22.35 33.21
C ARG A 258 -5.84 -23.39 32.06
N PHE A 259 -6.93 -24.10 31.75
CA PHE A 259 -6.93 -25.14 30.73
C PHE A 259 -7.57 -24.71 29.40
N ALA A 260 -7.68 -23.40 29.14
CA ALA A 260 -8.45 -22.89 27.97
C ALA A 260 -7.87 -23.37 26.62
N PHE A 261 -6.55 -23.49 26.59
CA PHE A 261 -5.78 -23.86 25.41
C PHE A 261 -5.08 -25.25 25.48
N GLN A 262 -5.64 -26.20 26.22
CA GLN A 262 -4.87 -27.38 26.53
C GLN A 262 -4.88 -28.37 25.33
N ASN A 263 -5.93 -28.35 24.55
CA ASN A 263 -6.06 -29.23 23.39
C ASN A 263 -5.73 -28.46 22.05
N LEU A 264 -5.00 -27.34 22.11
CA LEU A 264 -4.72 -26.54 20.88
C LEU A 264 -3.26 -26.67 20.55
N THR A 265 -2.82 -27.91 20.30
CA THR A 265 -1.42 -28.25 20.10
C THR A 265 -0.90 -27.72 18.76
N GLN A 266 -1.80 -27.37 17.84
CA GLN A 266 -1.39 -26.90 16.53
C GLN A 266 -1.44 -25.36 16.37
N LEU A 267 -1.50 -24.61 17.49
CA LEU A 267 -1.60 -23.16 17.41
C LEU A 267 -0.26 -22.55 17.04
N ARG A 268 -0.29 -21.71 16.01
CA ARG A 268 0.91 -21.01 15.50
C ARG A 268 0.74 -19.49 15.83
N TYR A 269 -0.49 -19.03 15.78
CA TYR A 269 -0.82 -17.63 15.96
C TYR A 269 -1.78 -17.41 17.08
N LEU A 270 -1.40 -16.49 17.96
CA LEU A 270 -2.26 -16.10 19.09
C LEU A 270 -2.28 -14.62 19.32
N ASN A 271 -3.48 -14.11 19.25
CA ASN A 271 -3.66 -12.72 19.35
C ASN A 271 -4.43 -12.33 20.64
N LEU A 272 -3.69 -11.70 21.54
CA LEU A 272 -4.26 -11.32 22.84
C LEU A 272 -4.07 -9.84 23.10
N SER A 273 -4.04 -9.05 22.01
CA SER A 273 -3.83 -7.61 22.10
C SER A 273 -5.00 -6.99 22.75
N SER A 274 -4.70 -5.97 23.54
CA SER A 274 -5.77 -5.27 24.27
C SER A 274 -6.82 -6.19 24.90
N THR A 275 -6.35 -7.09 25.75
CA THR A 275 -7.22 -7.90 26.60
C THR A 275 -7.04 -7.47 28.12
N SER A 276 -6.39 -6.32 28.36
CA SER A 276 -6.06 -5.77 29.69
C SER A 276 -5.32 -6.76 30.59
N LEU A 277 -4.35 -7.46 30.04
CA LEU A 277 -3.59 -8.46 30.76
C LEU A 277 -2.48 -7.87 31.55
N ARG A 278 -2.39 -8.31 32.82
CA ARG A 278 -1.31 -7.90 33.74
C ARG A 278 -0.38 -9.08 34.03
N LYS A 279 -0.92 -10.27 33.93
CA LYS A 279 -0.07 -11.44 34.15
C LYS A 279 -0.37 -12.44 33.06
N ILE A 280 0.68 -13.09 32.61
CA ILE A 280 0.49 -14.17 31.68
C ILE A 280 0.84 -15.49 32.34
N ASN A 281 -0.14 -16.38 32.31
CA ASN A 281 -0.03 -17.70 32.89
C ASN A 281 0.78 -18.60 31.95
N ALA A 282 1.99 -18.95 32.38
CA ALA A 282 2.88 -19.83 31.65
C ALA A 282 2.24 -21.17 31.25
N ALA A 283 1.23 -21.64 31.99
CA ALA A 283 0.55 -22.92 31.69
C ALA A 283 -0.38 -22.84 30.50
N TRP A 284 -0.82 -21.65 30.14
CA TRP A 284 -1.53 -21.45 28.87
C TRP A 284 -0.71 -22.04 27.69
N PHE A 285 0.61 -21.91 27.72
CA PHE A 285 1.54 -22.33 26.64
C PHE A 285 2.11 -23.74 26.75
N LYS A 286 1.60 -24.53 27.71
CA LYS A 286 2.20 -25.83 28.02
C LYS A 286 2.04 -26.85 26.90
N ASN A 287 0.90 -26.87 26.24
CA ASN A 287 0.65 -27.79 25.14
C ASN A 287 0.59 -27.05 23.79
N MET A 288 1.50 -26.11 23.61
CA MET A 288 1.52 -25.24 22.39
C MET A 288 2.99 -25.22 21.92
N PRO A 289 3.52 -26.37 21.52
CA PRO A 289 4.93 -26.41 21.21
C PRO A 289 5.29 -25.70 19.85
N HIS A 290 4.30 -25.36 19.02
CA HIS A 290 4.63 -24.75 17.69
C HIS A 290 4.35 -23.23 17.65
N LEU A 291 4.03 -22.62 18.80
CA LEU A 291 3.55 -21.24 18.74
C LEU A 291 4.65 -20.34 18.18
N LYS A 292 4.23 -19.55 17.19
CA LYS A 292 5.14 -18.85 16.29
C LYS A 292 5.07 -17.33 16.46
N VAL A 293 3.86 -16.82 16.59
CA VAL A 293 3.60 -15.44 16.63
C VAL A 293 2.66 -15.15 17.74
N LEU A 294 3.08 -14.22 18.58
CA LEU A 294 2.31 -13.91 19.74
C LEU A 294 2.23 -12.43 19.88
N ASP A 295 0.99 -11.99 19.92
CA ASP A 295 0.70 -10.59 19.97
C ASP A 295 0.09 -10.16 21.31
N LEU A 296 0.85 -9.32 22.02
CA LEU A 296 0.43 -8.89 23.35
C LEU A 296 0.47 -7.36 23.49
N GLU A 297 0.08 -6.70 22.42
CA GLU A 297 -0.04 -5.28 22.36
C GLU A 297 -1.15 -4.71 23.21
N PHE A 298 -0.92 -3.50 23.66
CA PHE A 298 -1.93 -2.71 24.37
C PHE A 298 -2.50 -3.44 25.60
N ASN A 299 -1.62 -4.09 26.36
CA ASN A 299 -1.91 -4.70 27.67
C ASN A 299 -1.18 -3.89 28.79
N TYR A 300 -0.91 -4.51 29.95
CA TYR A 300 -0.22 -3.84 31.00
C TYR A 300 0.88 -4.73 31.46
N LEU A 301 1.77 -5.04 30.54
CA LEU A 301 2.72 -6.11 30.77
C LEU A 301 4.13 -5.66 31.12
N VAL A 302 4.27 -4.39 31.58
CA VAL A 302 5.59 -3.92 31.98
C VAL A 302 6.21 -4.85 33.02
N GLY A 303 5.40 -5.23 34.01
CA GLY A 303 5.80 -6.15 35.08
C GLY A 303 6.10 -7.52 34.50
N GLU A 304 5.21 -8.02 33.66
CA GLU A 304 5.46 -9.30 32.96
C GLU A 304 6.68 -9.27 32.04
N ILE A 305 7.01 -8.14 31.44
CA ILE A 305 8.21 -8.08 30.59
C ILE A 305 9.46 -8.20 31.42
N ALA A 306 9.42 -7.61 32.61
CA ALA A 306 10.62 -7.62 33.51
C ALA A 306 10.83 -8.98 34.25
N SER A 307 9.79 -9.81 34.31
CA SER A 307 9.87 -11.16 34.94
C SER A 307 9.66 -12.32 33.96
N GLY A 308 8.41 -12.53 33.57
CA GLY A 308 8.15 -13.24 32.33
C GLY A 308 8.41 -14.72 32.35
N ALA A 309 7.65 -15.43 33.17
CA ALA A 309 7.83 -16.88 33.28
C ALA A 309 7.40 -17.52 31.97
N PHE A 310 6.27 -17.07 31.45
CA PHE A 310 5.74 -17.60 30.20
C PHE A 310 6.78 -17.68 29.06
N LEU A 311 7.83 -16.86 29.12
CA LEU A 311 8.87 -16.80 28.08
C LEU A 311 9.66 -18.08 27.93
N THR A 312 9.66 -18.86 29.00
CA THR A 312 10.42 -20.07 29.02
C THR A 312 9.61 -21.12 28.27
N MET A 313 8.33 -20.91 28.07
CA MET A 313 7.48 -21.91 27.42
C MET A 313 7.45 -21.79 25.88
N LEU A 314 8.35 -20.97 25.29
CA LEU A 314 8.18 -20.52 23.88
C LEU A 314 9.47 -20.60 23.02
N PRO A 315 10.18 -21.75 23.05
CA PRO A 315 11.44 -21.85 22.36
C PRO A 315 11.33 -21.82 20.80
N ARG A 316 10.12 -21.86 20.27
CA ARG A 316 9.93 -21.77 18.82
C ARG A 316 9.31 -20.46 18.37
N LEU A 317 9.09 -19.52 19.29
CA LEU A 317 8.46 -18.26 18.93
C LEU A 317 9.36 -17.41 18.01
N GLU A 318 8.78 -16.88 16.96
CA GLU A 318 9.58 -16.15 15.96
C GLU A 318 9.32 -14.67 16.02
N ILE A 319 8.07 -14.31 16.28
CA ILE A 319 7.67 -12.96 16.36
C ILE A 319 6.93 -12.68 17.67
N LEU A 320 7.40 -11.69 18.42
CA LEU A 320 6.77 -11.28 19.66
C LEU A 320 6.50 -9.78 19.69
N ASP A 321 5.25 -9.43 19.87
CA ASP A 321 4.88 -8.08 19.84
C ASP A 321 4.34 -7.60 21.20
N LEU A 322 5.09 -6.70 21.82
CA LEU A 322 4.78 -6.18 23.16
C LEU A 322 4.53 -4.70 23.19
N SER A 323 4.15 -4.17 22.05
CA SER A 323 3.92 -2.76 21.87
C SER A 323 2.82 -2.18 22.71
N PHE A 324 3.00 -0.91 23.03
CA PHE A 324 2.02 -0.15 23.77
C PHE A 324 1.61 -0.83 25.08
N ASN A 325 2.61 -1.27 25.78
CA ASN A 325 2.38 -1.75 27.12
C ASN A 325 2.79 -0.74 28.20
N TYR A 326 3.03 0.52 27.79
CA TYR A 326 3.44 1.62 28.69
C TYR A 326 2.53 1.76 29.91
N ILE A 327 3.13 2.17 31.01
CA ILE A 327 2.35 2.55 32.21
C ILE A 327 1.97 3.99 32.07
N LYS A 328 0.68 4.22 32.05
CA LYS A 328 0.14 5.54 31.92
C LYS A 328 0.88 6.53 32.89
N GLY A 329 1.31 7.68 32.41
CA GLY A 329 1.91 8.67 33.31
C GLY A 329 3.34 8.44 33.67
N SER A 330 3.91 7.38 33.15
CA SER A 330 5.23 7.02 33.58
C SER A 330 6.30 7.13 32.49
N TYR A 331 7.43 7.75 32.86
CA TYR A 331 8.55 7.98 31.98
C TYR A 331 9.84 7.50 32.63
N PRO A 332 9.91 6.18 32.87
CA PRO A 332 11.08 5.54 33.49
C PRO A 332 12.34 5.78 32.72
N GLN A 333 13.47 5.73 33.38
CA GLN A 333 14.72 5.99 32.76
C GLN A 333 15.14 4.87 31.80
N HIS A 334 14.84 3.63 32.18
CA HIS A 334 15.34 2.46 31.49
C HIS A 334 14.24 1.50 31.18
N ILE A 335 14.45 0.70 30.15
CA ILE A 335 13.60 -0.42 29.90
C ILE A 335 14.15 -1.60 30.73
N ASN A 336 13.24 -2.40 31.26
CA ASN A 336 13.62 -3.59 32.06
C ASN A 336 13.10 -4.89 31.39
N ILE A 337 14.06 -5.59 30.78
CA ILE A 337 13.86 -6.87 30.08
C ILE A 337 14.28 -8.06 30.94
N SER A 338 13.37 -8.98 31.20
CA SER A 338 13.74 -10.21 31.89
C SER A 338 14.89 -10.97 31.24
N ARG A 339 15.64 -11.67 32.09
CA ARG A 339 16.66 -12.60 31.64
C ARG A 339 16.01 -13.70 30.85
N ASN A 340 14.74 -13.95 31.12
CA ASN A 340 14.03 -15.02 30.43
C ASN A 340 13.84 -14.85 28.92
N PHE A 341 14.12 -13.65 28.41
CA PHE A 341 14.08 -13.42 26.98
C PHE A 341 15.17 -14.27 26.31
N SER A 342 16.16 -14.72 27.08
CA SER A 342 17.24 -15.46 26.51
C SER A 342 16.82 -16.89 26.12
N LYS A 343 15.59 -17.30 26.47
CA LYS A 343 15.05 -18.62 26.15
C LYS A 343 14.19 -18.63 24.89
N LEU A 344 14.06 -17.45 24.26
CA LEU A 344 13.29 -17.27 23.04
C LEU A 344 14.18 -17.57 21.84
N LEU A 345 14.63 -18.81 21.80
CA LEU A 345 15.74 -19.22 20.91
C LEU A 345 15.47 -19.02 19.42
N SER A 346 14.21 -19.09 19.01
CA SER A 346 13.79 -18.89 17.61
C SER A 346 13.44 -17.45 17.27
N LEU A 347 13.40 -16.56 18.25
CA LEU A 347 12.91 -15.25 18.02
C LEU A 347 13.63 -14.56 16.83
N ARG A 348 12.81 -14.01 15.94
CA ARG A 348 13.28 -13.31 14.73
C ARG A 348 12.96 -11.84 14.79
N ALA A 349 11.79 -11.48 15.31
CA ALA A 349 11.44 -10.10 15.48
C ALA A 349 10.87 -9.83 16.88
N LEU A 350 11.31 -8.74 17.47
CA LEU A 350 10.74 -8.27 18.76
C LEU A 350 10.29 -6.82 18.63
N HIS A 351 9.04 -6.60 18.90
CA HIS A 351 8.49 -5.33 18.75
C HIS A 351 8.20 -4.73 20.13
N LEU A 352 8.86 -3.63 20.43
CA LEU A 352 8.74 -3.05 21.75
C LEU A 352 8.43 -1.56 21.59
N ARG A 353 7.44 -1.23 20.78
CA ARG A 353 7.06 0.18 20.65
C ARG A 353 6.25 0.62 21.87
N GLY A 354 6.20 1.91 22.17
CA GLY A 354 5.25 2.45 23.13
C GLY A 354 5.37 1.82 24.53
N TYR A 355 6.58 1.43 24.92
CA TYR A 355 6.89 1.05 26.31
C TYR A 355 7.16 2.37 27.09
N VAL A 356 8.00 3.23 26.51
CA VAL A 356 8.24 4.64 27.00
C VAL A 356 9.38 4.68 28.04
N PHE A 357 10.53 5.20 27.63
CA PHE A 357 11.69 5.18 28.47
C PHE A 357 12.74 6.12 27.93
N GLN A 358 13.69 6.50 28.76
CA GLN A 358 14.56 7.65 28.45
C GLN A 358 15.83 7.26 27.85
N GLU A 359 16.36 6.15 28.31
CA GLU A 359 17.68 5.74 27.83
C GLU A 359 17.79 4.25 27.69
N LEU A 360 18.44 3.86 26.60
CA LEU A 360 18.82 2.49 26.35
C LEU A 360 20.30 2.31 26.60
N ARG A 361 20.63 1.46 27.59
CA ARG A 361 22.03 1.13 27.91
C ARG A 361 22.42 -0.28 27.42
N GLU A 362 23.72 -0.54 27.31
CA GLU A 362 24.17 -1.87 26.83
C GLU A 362 23.58 -3.07 27.58
N ASP A 363 23.48 -2.94 28.88
CA ASP A 363 23.21 -4.06 29.75
C ASP A 363 21.73 -4.36 29.77
N ASP A 364 20.93 -3.38 29.37
CA ASP A 364 19.50 -3.56 29.31
C ASP A 364 19.00 -4.56 28.24
N PHE A 365 19.80 -4.82 27.23
CA PHE A 365 19.45 -5.80 26.19
C PHE A 365 20.34 -7.04 26.23
N GLN A 366 21.16 -7.18 27.27
CA GLN A 366 22.01 -8.40 27.46
C GLN A 366 21.25 -9.66 27.12
N PRO A 367 20.06 -9.84 27.71
CA PRO A 367 19.27 -11.04 27.44
C PRO A 367 18.93 -11.33 25.98
N LEU A 368 19.12 -10.36 25.09
CA LEU A 368 18.75 -10.54 23.69
C LEU A 368 19.93 -10.94 22.83
N MET A 369 21.13 -10.79 23.36
CA MET A 369 22.33 -10.75 22.52
C MET A 369 22.91 -12.08 22.01
N GLN A 370 22.33 -13.17 22.47
CA GLN A 370 22.80 -14.51 22.10
C GLN A 370 21.80 -15.25 21.25
N LEU A 371 20.61 -14.67 21.08
CA LEU A 371 19.57 -15.27 20.29
C LEU A 371 20.05 -15.23 18.83
N PRO A 372 20.30 -16.41 18.21
CA PRO A 372 20.98 -16.43 16.92
C PRO A 372 20.19 -15.79 15.73
N ASN A 373 18.87 -15.98 15.69
CA ASN A 373 18.02 -15.51 14.59
C ASN A 373 17.31 -14.14 14.83
N LEU A 374 17.68 -13.39 15.87
CA LEU A 374 16.95 -12.13 16.16
C LEU A 374 17.43 -11.04 15.17
N SER A 375 16.58 -10.72 14.20
CA SER A 375 17.01 -9.82 13.14
C SER A 375 16.37 -8.47 13.17
N THR A 376 15.16 -8.37 13.72
CA THR A 376 14.46 -7.11 13.79
C THR A 376 14.22 -6.74 15.26
N ILE A 377 14.73 -5.58 15.66
CA ILE A 377 14.36 -4.93 16.95
C ILE A 377 13.66 -3.59 16.65
N ASN A 378 12.42 -3.48 17.11
CA ASN A 378 11.64 -2.32 16.88
C ASN A 378 11.43 -1.57 18.20
N LEU A 379 12.13 -0.44 18.38
CA LEU A 379 11.84 0.52 19.48
C LEU A 379 11.14 1.80 19.05
N GLY A 380 10.34 1.78 18.00
CA GLY A 380 9.57 2.98 17.62
C GLY A 380 8.76 3.58 18.78
N ILE A 381 8.72 4.89 18.85
CA ILE A 381 7.75 5.61 19.68
C ILE A 381 7.92 5.31 21.19
N ASN A 382 9.14 5.55 21.67
CA ASN A 382 9.45 5.36 23.07
C ASN A 382 9.89 6.64 23.81
N PHE A 383 9.92 7.78 23.08
CA PHE A 383 10.53 9.02 23.59
C PHE A 383 11.91 8.81 24.19
N ILE A 384 12.69 7.90 23.59
CA ILE A 384 14.06 7.63 23.98
C ILE A 384 14.96 8.84 23.68
N LYS A 385 15.76 9.27 24.66
CA LYS A 385 16.62 10.45 24.52
C LYS A 385 18.03 10.04 24.20
N GLN A 386 18.46 8.88 24.66
CA GLN A 386 19.80 8.44 24.27
C GLN A 386 19.99 6.96 24.28
N ILE A 387 20.85 6.55 23.37
CA ILE A 387 21.15 5.17 23.17
C ILE A 387 22.63 5.05 23.12
N ASP A 388 23.13 4.04 23.83
CA ASP A 388 24.50 3.56 23.71
C ASP A 388 24.57 2.67 22.46
N PHE A 389 24.83 3.27 21.31
CA PHE A 389 24.74 2.51 20.05
C PHE A 389 25.64 1.29 19.96
N LYS A 390 26.78 1.30 20.64
CA LYS A 390 27.71 0.19 20.54
C LYS A 390 27.06 -1.16 20.86
N LEU A 391 26.00 -1.15 21.65
CA LEU A 391 25.28 -2.39 21.98
C LEU A 391 24.70 -3.18 20.81
N PHE A 392 24.44 -2.54 19.67
CA PHE A 392 23.80 -3.24 18.56
C PHE A 392 24.73 -4.26 17.90
N GLN A 393 26.00 -3.90 17.75
CA GLN A 393 27.08 -4.79 17.32
C GLN A 393 27.10 -6.09 18.10
N ASN A 394 26.87 -6.00 19.40
CA ASN A 394 26.94 -7.14 20.27
C ASN A 394 25.77 -8.12 20.08
N PHE A 395 24.69 -7.75 19.38
CA PHE A 395 23.73 -8.77 18.99
C PHE A 395 24.43 -9.70 18.03
N SER A 396 23.85 -10.85 17.81
CA SER A 396 24.52 -11.88 17.02
C SER A 396 24.41 -11.49 15.56
N ASN A 397 23.21 -11.06 15.17
CA ASN A 397 22.99 -10.60 13.80
C ASN A 397 21.75 -9.68 13.56
N LEU A 398 21.78 -8.45 14.03
CA LEU A 398 20.68 -7.57 13.67
C LEU A 398 20.75 -7.20 12.15
N GLU A 399 19.60 -7.14 11.50
CA GLU A 399 19.47 -6.62 10.14
C GLU A 399 18.59 -5.35 10.05
N ILE A 400 17.73 -5.14 11.03
CA ILE A 400 16.82 -3.97 11.08
C ILE A 400 16.78 -3.48 12.49
N ILE A 401 17.56 -2.44 12.74
CA ILE A 401 17.54 -1.69 13.97
C ILE A 401 16.57 -0.53 13.76
N TYR A 402 15.33 -0.71 14.16
CA TYR A 402 14.31 0.33 13.93
C TYR A 402 14.11 1.29 15.14
N LEU A 403 14.61 2.55 15.03
CA LEU A 403 14.50 3.52 16.11
C LEU A 403 13.66 4.76 15.78
N SER A 404 12.80 4.66 14.79
CA SER A 404 12.02 5.81 14.32
C SER A 404 11.17 6.40 15.43
N GLU A 405 11.10 7.72 15.43
CA GLU A 405 10.11 8.50 16.19
C GLU A 405 10.45 8.38 17.67
N ASN A 406 11.58 8.94 18.03
CA ASN A 406 12.02 8.96 19.42
C ASN A 406 12.53 10.36 19.67
N ARG A 407 13.50 10.57 20.56
CA ARG A 407 14.04 11.93 20.85
C ARG A 407 15.53 11.90 20.84
N ILE A 408 16.07 11.05 20.00
CA ILE A 408 17.53 10.91 19.93
C ILE A 408 18.12 12.18 19.38
N SER A 409 19.24 12.57 19.97
CA SER A 409 19.85 13.87 19.76
C SER A 409 21.27 13.68 19.38
N PRO A 410 21.94 14.75 18.97
CA PRO A 410 23.36 14.60 18.66
C PRO A 410 24.12 14.04 19.87
N LEU A 411 25.03 13.09 19.59
CA LEU A 411 25.74 12.32 20.64
C LEU A 411 26.60 13.25 21.49
N PHE A 437 -13.34 2.76 4.44
CA PHE A 437 -13.77 2.40 5.79
C PHE A 437 -12.84 2.98 6.81
N GLU A 438 -13.42 3.46 7.92
CA GLU A 438 -12.63 3.94 9.02
C GLU A 438 -11.49 2.95 9.22
N PHE A 439 -11.81 1.72 9.64
CA PHE A 439 -10.83 0.66 9.74
C PHE A 439 -11.12 -0.42 8.71
N ASP A 440 -10.05 -0.85 8.05
CA ASP A 440 -10.17 -1.83 6.99
C ASP A 440 -10.41 -3.15 7.69
N PRO A 441 -11.59 -3.78 7.47
CA PRO A 441 -11.89 -5.09 8.09
C PRO A 441 -10.96 -6.22 7.68
N HIS A 442 -10.23 -6.03 6.59
CA HIS A 442 -9.33 -7.06 6.07
C HIS A 442 -7.89 -6.84 6.46
N SER A 443 -7.65 -5.78 7.25
CA SER A 443 -6.33 -5.51 7.83
C SER A 443 -6.26 -5.81 9.32
N ASN A 444 -5.05 -5.72 9.84
CA ASN A 444 -4.77 -5.79 11.22
C ASN A 444 -5.27 -4.53 11.90
N PHE A 445 -6.01 -4.72 12.99
CA PHE A 445 -6.54 -3.54 13.65
C PHE A 445 -5.58 -2.87 14.63
N TYR A 446 -4.60 -3.59 15.18
CA TYR A 446 -3.75 -3.06 16.28
C TYR A 446 -2.47 -2.40 15.78
N HIS A 447 -2.00 -2.81 14.62
CA HIS A 447 -0.93 -2.08 13.94
C HIS A 447 -1.01 -2.12 12.40
N PHE A 448 -0.09 -1.39 11.80
CA PHE A 448 0.06 -1.46 10.36
C PHE A 448 0.94 -2.67 9.99
N THR A 449 0.69 -3.24 8.83
CA THR A 449 1.45 -4.42 8.41
C THR A 449 2.56 -4.10 7.38
N ARG A 450 2.80 -2.84 7.07
CA ARG A 450 3.86 -2.49 6.11
C ARG A 450 5.26 -2.86 6.62
N PRO A 451 6.22 -3.09 5.73
CA PRO A 451 7.59 -3.30 6.21
C PRO A 451 8.05 -2.11 7.09
N LEU A 452 8.86 -2.36 8.09
CA LEU A 452 9.39 -1.29 8.89
C LEU A 452 10.23 -0.41 8.01
N ILE A 453 11.08 -1.01 7.19
CA ILE A 453 12.01 -0.33 6.29
C ILE A 453 11.57 -0.61 4.87
N LYS A 454 11.79 0.35 3.98
CA LYS A 454 11.42 0.17 2.60
C LYS A 454 12.26 -1.01 2.09
N PRO A 455 11.59 -1.94 1.44
CA PRO A 455 12.25 -3.14 0.90
C PRO A 455 13.44 -2.83 -0.04
N GLN A 456 13.34 -1.78 -0.83
CA GLN A 456 14.51 -1.41 -1.67
C GLN A 456 15.72 -1.00 -0.87
N CYS A 457 15.52 -0.45 0.34
CA CYS A 457 16.65 -0.02 1.16
C CYS A 457 17.20 -1.22 1.97
N ALA A 458 16.27 -1.96 2.54
CA ALA A 458 16.62 -3.11 3.35
C ALA A 458 17.32 -4.21 2.48
N ALA A 459 16.97 -4.31 1.19
CA ALA A 459 17.65 -5.29 0.33
C ALA A 459 19.15 -5.08 0.18
N TYR A 460 19.72 -3.95 0.56
CA TYR A 460 21.19 -3.76 0.48
C TYR A 460 21.96 -4.28 1.68
N GLY A 461 21.24 -4.66 2.73
CA GLY A 461 21.86 -5.17 3.93
C GLY A 461 21.30 -4.53 5.20
N LYS A 462 22.20 -4.37 6.17
CA LYS A 462 21.82 -3.99 7.52
C LYS A 462 21.30 -2.56 7.53
N ALA A 463 20.18 -2.40 8.20
CA ALA A 463 19.44 -1.18 8.22
C ALA A 463 19.29 -0.55 9.57
N LEU A 464 19.61 0.74 9.61
CA LEU A 464 19.36 1.60 10.76
C LEU A 464 18.42 2.74 10.40
N ASP A 465 17.26 2.72 10.97
CA ASP A 465 16.29 3.78 10.75
C ASP A 465 16.22 4.68 12.00
N LEU A 466 16.83 5.85 11.89
CA LEU A 466 16.79 6.88 12.89
C LEU A 466 15.84 8.01 12.45
N SER A 467 14.88 7.73 11.56
CA SER A 467 13.94 8.76 11.16
C SER A 467 13.10 9.35 12.30
N LEU A 468 12.68 10.60 12.13
CA LEU A 468 11.77 11.26 13.06
C LEU A 468 12.39 11.32 14.43
N ASN A 469 13.64 11.77 14.49
CA ASN A 469 14.29 12.05 15.74
C ASN A 469 14.78 13.51 15.70
N SER A 470 15.80 13.85 16.48
CA SER A 470 16.38 15.17 16.57
C SER A 470 17.85 15.16 16.42
N ILE A 471 18.35 14.39 15.48
CA ILE A 471 19.77 14.46 15.19
C ILE A 471 19.95 15.58 14.21
N PHE A 472 19.97 16.79 14.74
CA PHE A 472 19.95 18.00 13.89
C PHE A 472 21.37 18.34 13.40
N PHE A 473 22.37 17.63 13.94
CA PHE A 473 23.76 17.81 13.49
C PHE A 473 24.51 16.49 13.81
N ILE A 474 25.17 15.93 12.79
CA ILE A 474 26.08 14.79 12.89
C ILE A 474 27.46 15.46 12.94
N GLY A 475 28.24 15.47 14.00
CA GLY A 475 28.56 14.35 14.85
C GLY A 475 29.84 13.64 14.35
N PRO A 476 31.06 14.16 14.68
CA PRO A 476 32.26 13.35 14.23
C PRO A 476 32.19 11.88 14.68
N ASN A 477 31.59 11.66 15.86
CA ASN A 477 31.47 10.35 16.48
C ASN A 477 30.03 9.81 16.54
N GLN A 478 29.12 10.43 15.80
CA GLN A 478 27.71 9.98 15.84
C GLN A 478 27.50 8.49 15.60
N PHE A 479 28.23 7.94 14.63
CA PHE A 479 28.03 6.57 14.10
C PHE A 479 29.19 5.57 14.42
N GLU A 480 30.08 5.94 15.35
CA GLU A 480 31.04 5.03 15.96
C GLU A 480 30.40 3.74 16.42
N ASN A 481 31.08 2.63 16.21
CA ASN A 481 30.72 1.38 16.90
C ASN A 481 29.40 0.75 16.41
N LEU A 482 29.05 1.02 15.17
CA LEU A 482 27.90 0.47 14.54
C LEU A 482 28.38 -0.69 13.68
N PRO A 483 27.46 -1.60 13.32
CA PRO A 483 27.78 -2.60 12.30
C PRO A 483 27.98 -1.93 10.94
N ASP A 484 28.11 -2.76 9.93
CA ASP A 484 28.33 -2.28 8.59
C ASP A 484 26.98 -1.91 8.01
N ILE A 485 26.57 -0.69 8.30
CA ILE A 485 25.26 -0.24 7.92
C ILE A 485 25.23 -0.01 6.39
N ALA A 486 24.28 -0.61 5.73
CA ALA A 486 24.01 -0.51 4.30
C ALA A 486 22.83 0.43 3.90
N CYS A 487 21.87 0.59 4.80
CA CYS A 487 20.65 1.30 4.58
C CYS A 487 20.47 2.20 5.80
N LEU A 488 20.53 3.50 5.58
CA LEU A 488 20.48 4.46 6.69
C LEU A 488 19.37 5.49 6.46
N ASN A 489 18.52 5.59 7.45
CA ASN A 489 17.39 6.48 7.30
C ASN A 489 17.50 7.56 8.32
N LEU A 490 17.75 8.77 7.81
CA LEU A 490 17.82 9.97 8.66
C LEU A 490 16.74 10.98 8.33
N SER A 491 15.69 10.53 7.70
CA SER A 491 14.61 11.44 7.27
C SER A 491 14.14 12.22 8.51
N ALA A 492 13.77 13.49 8.36
CA ALA A 492 12.97 14.21 9.42
C ALA A 492 13.61 14.27 10.82
N ASN A 493 14.83 14.81 10.81
CA ASN A 493 15.66 15.04 11.94
C ASN A 493 16.04 16.49 12.12
N SER A 494 15.33 17.37 11.43
CA SER A 494 15.60 18.79 11.49
C SER A 494 17.02 19.16 11.22
N ASN A 495 17.68 18.49 10.28
CA ASN A 495 19.07 18.72 10.07
C ASN A 495 19.31 19.85 9.12
N ALA A 496 20.07 20.84 9.62
CA ALA A 496 20.40 22.08 8.90
C ALA A 496 21.92 22.28 8.66
N GLN A 497 22.69 21.24 8.92
CA GLN A 497 24.13 21.31 8.74
C GLN A 497 24.57 21.40 7.29
N VAL A 498 25.79 21.90 7.12
CA VAL A 498 26.53 21.79 5.89
C VAL A 498 27.38 20.48 5.88
N LEU A 499 26.89 19.43 5.22
CA LEU A 499 27.64 18.17 5.08
C LEU A 499 28.89 18.48 4.25
N SER A 500 30.01 17.85 4.62
CA SER A 500 31.33 18.27 4.15
C SER A 500 32.26 17.14 3.74
N GLY A 501 31.77 15.90 3.80
CA GLY A 501 32.49 14.77 3.33
C GLY A 501 33.20 13.98 4.42
N THR A 502 32.86 14.19 5.68
CA THR A 502 33.49 13.44 6.75
C THR A 502 32.48 12.89 7.73
N GLU A 503 31.20 13.21 7.52
CA GLU A 503 30.23 12.89 8.53
C GLU A 503 29.85 11.43 8.59
N PHE A 504 29.92 10.74 7.46
CA PHE A 504 29.60 9.34 7.42
C PHE A 504 30.87 8.41 7.40
N SER A 505 32.02 8.93 7.80
CA SER A 505 33.30 8.18 7.62
C SER A 505 33.38 6.91 8.45
N ALA A 506 32.58 6.83 9.48
CA ALA A 506 32.53 5.61 10.29
C ALA A 506 31.49 4.64 9.80
N ILE A 507 30.68 5.02 8.80
CA ILE A 507 29.85 4.00 8.16
C ILE A 507 29.98 4.20 6.66
N PRO A 508 31.18 3.94 6.12
CA PRO A 508 31.45 4.29 4.74
C PRO A 508 30.79 3.38 3.71
N HIS A 509 30.13 2.31 4.09
CA HIS A 509 29.54 1.47 3.04
C HIS A 509 28.06 1.59 2.95
N VAL A 510 27.50 2.65 3.49
CA VAL A 510 26.09 2.89 3.24
C VAL A 510 25.89 2.89 1.72
N LYS A 511 24.92 2.12 1.25
CA LYS A 511 24.52 2.09 -0.15
C LYS A 511 23.15 2.75 -0.49
N TYR A 512 22.31 2.91 0.50
CA TYR A 512 21.03 3.60 0.31
C TYR A 512 20.87 4.58 1.46
N LEU A 513 20.91 5.87 1.14
CA LEU A 513 20.89 6.96 2.11
C LEU A 513 19.67 7.87 1.99
N ASP A 514 18.82 7.83 3.03
CA ASP A 514 17.57 8.64 3.09
C ASP A 514 17.75 9.85 3.99
N LEU A 515 17.84 11.04 3.36
CA LEU A 515 18.04 12.29 4.06
C LEU A 515 16.81 13.22 3.92
N THR A 516 15.64 12.65 3.64
CA THR A 516 14.52 13.46 3.26
C THR A 516 13.97 14.23 4.39
N ASN A 517 13.24 15.26 4.03
CA ASN A 517 12.51 16.08 5.01
C ASN A 517 13.39 16.63 6.14
N ASN A 518 14.54 17.16 5.81
CA ASN A 518 15.39 17.88 6.75
C ASN A 518 15.42 19.36 6.26
N ARG A 519 16.52 20.03 6.59
CA ARG A 519 16.77 21.39 6.27
C ARG A 519 18.20 21.55 5.84
N LEU A 520 18.72 20.61 5.08
CA LEU A 520 20.13 20.61 4.76
C LEU A 520 20.54 21.81 3.95
N ASP A 521 21.70 22.33 4.34
CA ASP A 521 22.36 23.42 3.69
C ASP A 521 23.42 22.80 2.78
N PHE A 522 23.07 22.66 1.51
CA PHE A 522 24.03 22.14 0.52
C PHE A 522 25.01 23.21 0.05
N ASP A 523 26.01 23.43 0.83
CA ASP A 523 26.95 24.49 0.60
C ASP A 523 28.43 24.00 0.63
N ASN A 524 28.71 22.79 0.19
CA ASN A 524 30.11 22.31 0.15
C ASN A 524 30.20 21.18 -0.85
N ALA A 525 31.15 21.28 -1.79
CA ALA A 525 31.29 20.38 -2.93
C ALA A 525 31.70 18.95 -2.56
N SER A 526 32.02 18.71 -1.31
CA SER A 526 32.54 17.39 -0.88
C SER A 526 31.53 16.58 -0.08
N ALA A 527 30.35 17.16 0.09
CA ALA A 527 29.31 16.54 0.86
C ALA A 527 29.12 15.14 0.42
N LEU A 528 29.00 14.24 1.39
CA LEU A 528 28.68 12.82 1.18
C LEU A 528 29.70 12.02 0.37
N THR A 529 30.82 12.61 -0.04
CA THR A 529 31.73 11.91 -0.96
C THR A 529 32.49 10.73 -0.28
N GLU A 530 32.54 10.71 1.03
CA GLU A 530 33.02 9.54 1.77
C GLU A 530 32.26 8.27 1.54
N LEU A 531 31.07 8.35 0.96
CA LEU A 531 30.24 7.18 0.76
C LEU A 531 30.38 6.61 -0.63
N SER A 532 31.56 6.03 -0.90
CA SER A 532 31.91 5.49 -2.25
C SER A 532 31.02 4.45 -2.82
N ASP A 533 30.43 3.61 -2.00
CA ASP A 533 29.52 2.63 -2.53
C ASP A 533 28.08 3.14 -2.76
N LEU A 534 27.79 4.41 -2.42
CA LEU A 534 26.39 4.89 -2.43
C LEU A 534 25.80 4.61 -3.80
N GLU A 535 24.64 3.99 -3.79
CA GLU A 535 23.81 3.69 -4.95
C GLU A 535 22.48 4.48 -5.10
N VAL A 536 21.86 4.78 -3.96
CA VAL A 536 20.62 5.54 -3.91
C VAL A 536 20.71 6.62 -2.89
N LEU A 537 20.39 7.82 -3.31
CA LEU A 537 20.39 8.92 -2.43
C LEU A 537 19.11 9.71 -2.57
N ASP A 538 18.45 9.92 -1.44
CA ASP A 538 17.18 10.62 -1.45
C ASP A 538 17.33 11.90 -0.66
N LEU A 539 17.27 13.06 -1.38
CA LEU A 539 17.41 14.38 -0.74
C LEU A 539 16.11 15.13 -0.81
N SER A 540 15.03 14.45 -1.02
CA SER A 540 13.77 15.10 -1.20
C SER A 540 13.40 15.98 0.00
N TYR A 541 12.62 17.01 -0.27
CA TYR A 541 12.08 17.91 0.80
C TYR A 541 13.11 18.50 1.71
N ASN A 542 14.16 19.02 1.08
CA ASN A 542 15.23 19.83 1.76
C ASN A 542 15.25 21.21 1.08
N SER A 543 14.07 21.80 0.94
CA SER A 543 13.97 23.08 0.25
C SER A 543 14.45 24.30 1.07
N HIS A 544 14.69 24.13 2.36
CA HIS A 544 14.93 25.21 3.24
C HIS A 544 15.96 26.29 2.78
N TYR A 545 17.11 25.86 2.34
CA TYR A 545 18.14 26.82 1.90
C TYR A 545 18.12 27.04 0.38
N PHE A 546 17.68 26.03 -0.40
CA PHE A 546 17.51 26.20 -1.83
C PHE A 546 16.55 27.36 -2.13
N ARG A 547 15.64 27.60 -1.20
CA ARG A 547 14.60 28.63 -1.40
C ARG A 547 15.20 30.01 -1.41
N ILE A 548 16.29 30.20 -0.65
CA ILE A 548 16.91 31.53 -0.44
C ILE A 548 17.95 31.88 -1.46
N ALA A 549 17.62 32.85 -2.32
CA ALA A 549 18.52 33.11 -3.45
C ALA A 549 19.91 33.65 -3.00
N GLY A 550 19.96 34.41 -1.90
CA GLY A 550 21.20 35.01 -1.44
C GLY A 550 22.18 34.13 -0.68
N VAL A 551 21.82 32.88 -0.36
CA VAL A 551 22.83 31.96 0.19
C VAL A 551 23.35 31.13 -0.96
N THR A 552 24.54 30.54 -0.83
CA THR A 552 25.13 29.72 -1.89
C THR A 552 24.59 28.31 -1.78
N HIS A 553 24.59 27.63 -2.91
CA HIS A 553 24.07 26.28 -3.11
C HIS A 553 25.00 25.48 -4.05
N HIS A 554 25.44 24.31 -3.56
CA HIS A 554 26.45 23.48 -4.25
C HIS A 554 26.01 22.05 -4.38
N LEU A 555 25.78 21.60 -5.62
CA LEU A 555 25.43 20.24 -5.91
C LEU A 555 26.55 19.45 -6.69
N GLU A 556 27.78 19.95 -6.62
CA GLU A 556 28.94 19.35 -7.31
C GLU A 556 29.33 17.91 -6.90
N PHE A 557 29.16 17.59 -5.61
CA PHE A 557 29.42 16.24 -5.11
C PHE A 557 28.79 15.14 -5.94
N ILE A 558 27.66 15.40 -6.59
CA ILE A 558 26.95 14.34 -7.32
C ILE A 558 27.92 13.57 -8.23
N GLN A 559 28.85 14.27 -8.86
CA GLN A 559 29.76 13.64 -9.84
C GLN A 559 30.73 12.65 -9.22
N ASN A 560 30.95 12.74 -7.93
CA ASN A 560 32.03 11.99 -7.31
C ASN A 560 31.75 10.51 -7.11
N PHE A 561 30.50 10.11 -7.20
CA PHE A 561 30.14 8.73 -6.92
C PHE A 561 30.25 7.86 -8.16
N THR A 562 30.86 6.67 -8.07
CA THR A 562 31.03 5.80 -9.23
C THR A 562 29.96 4.77 -9.34
N ASN A 563 29.26 4.49 -8.21
CA ASN A 563 28.14 3.53 -8.19
C ASN A 563 26.72 4.18 -8.03
N LEU A 564 26.62 5.50 -8.03
CA LEU A 564 25.30 6.10 -7.80
C LEU A 564 24.36 5.83 -8.96
N LYS A 565 23.25 5.13 -8.65
CA LYS A 565 22.21 4.82 -9.60
C LYS A 565 20.96 5.72 -9.58
N VAL A 566 20.52 6.11 -8.39
CA VAL A 566 19.25 6.82 -8.25
C VAL A 566 19.43 7.99 -7.35
N LEU A 567 19.03 9.16 -7.86
CA LEU A 567 19.11 10.37 -7.04
C LEU A 567 17.73 11.07 -7.08
N ASN A 568 17.23 11.36 -5.90
CA ASN A 568 15.95 12.07 -5.74
C ASN A 568 16.19 13.47 -5.17
N LEU A 569 16.00 14.48 -6.06
CA LEU A 569 16.11 15.87 -5.65
C LEU A 569 14.70 16.53 -5.60
N SER A 570 13.66 15.73 -5.40
CA SER A 570 12.35 16.29 -5.50
C SER A 570 11.97 17.26 -4.38
N HIS A 571 11.13 18.23 -4.74
CA HIS A 571 10.52 19.18 -3.77
C HIS A 571 11.52 19.97 -3.00
N ASN A 572 12.55 20.38 -3.69
CA ASN A 572 13.61 21.18 -3.14
C ASN A 572 13.53 22.64 -3.62
N ASN A 573 12.56 22.97 -4.45
CA ASN A 573 12.43 24.40 -4.89
C ASN A 573 13.79 24.89 -5.45
N ILE A 574 14.50 24.02 -6.17
CA ILE A 574 15.75 24.38 -6.70
C ILE A 574 15.52 25.35 -7.87
N TYR A 575 16.14 26.53 -7.76
CA TYR A 575 16.07 27.52 -8.87
C TYR A 575 17.33 28.30 -9.11
N THR A 576 18.33 28.09 -8.28
CA THR A 576 19.61 28.80 -8.46
C THR A 576 20.73 27.98 -7.77
N LEU A 577 21.86 27.88 -8.44
CA LEU A 577 23.02 27.18 -7.92
C LEU A 577 24.21 28.08 -8.06
N THR A 578 25.24 27.82 -7.27
CA THR A 578 26.40 28.69 -7.24
C THR A 578 27.54 28.11 -8.11
N ASP A 579 28.05 28.91 -9.06
CA ASP A 579 29.28 28.54 -9.85
C ASP A 579 29.10 27.41 -10.84
N LYS A 580 28.68 26.23 -10.35
CA LYS A 580 28.46 25.12 -11.23
C LYS A 580 26.99 24.93 -11.44
N TYR A 581 26.56 25.03 -12.69
CA TYR A 581 25.17 25.08 -13.07
C TYR A 581 24.60 23.73 -13.56
N ASN A 582 25.49 22.74 -13.69
CA ASN A 582 25.24 21.45 -14.24
C ASN A 582 25.39 20.27 -13.24
N LEU A 583 24.49 19.32 -13.41
CA LEU A 583 24.52 18.06 -12.74
C LEU A 583 25.29 17.09 -13.66
N GLU A 584 26.24 16.38 -13.08
CA GLU A 584 27.11 15.47 -13.85
C GLU A 584 27.35 14.22 -13.07
N SER A 585 27.23 13.10 -13.75
CA SER A 585 27.53 11.79 -13.19
C SER A 585 27.63 10.84 -14.37
N LYS A 586 28.67 10.00 -14.33
CA LYS A 586 28.85 8.95 -15.34
C LYS A 586 28.05 7.73 -15.06
N SER A 587 27.64 7.49 -13.79
CA SER A 587 26.76 6.32 -13.43
C SER A 587 25.24 6.49 -13.37
N LEU A 588 24.81 7.67 -12.94
CA LEU A 588 23.39 7.91 -12.62
C LEU A 588 22.45 7.45 -13.70
N VAL A 589 21.52 6.63 -13.26
CA VAL A 589 20.52 6.07 -14.12
C VAL A 589 19.13 6.72 -13.96
N GLU A 590 18.83 7.24 -12.76
CA GLU A 590 17.49 7.86 -12.54
C GLU A 590 17.60 9.16 -11.75
N LEU A 591 17.06 10.27 -12.28
CA LEU A 591 16.98 11.50 -11.53
C LEU A 591 15.52 11.93 -11.40
N VAL A 592 15.13 12.24 -10.17
CA VAL A 592 13.77 12.70 -9.86
C VAL A 592 13.99 14.14 -9.55
N PHE A 593 13.49 15.01 -10.46
CA PHE A 593 13.67 16.44 -10.26
C PHE A 593 12.32 17.16 -10.13
N SER A 594 11.30 16.42 -9.75
CA SER A 594 9.99 16.99 -9.54
C SER A 594 9.92 18.03 -8.39
N GLY A 595 9.04 19.05 -8.50
CA GLY A 595 8.82 19.99 -7.46
C GLY A 595 10.00 20.92 -7.29
N ASN A 596 10.67 21.28 -8.42
CA ASN A 596 11.72 22.29 -8.42
C ASN A 596 11.30 23.41 -9.39
N ARG A 597 12.16 24.38 -9.70
CA ARG A 597 11.73 25.51 -10.56
C ARG A 597 12.47 25.56 -11.89
N LEU A 598 12.28 24.57 -12.75
CA LEU A 598 12.84 24.57 -14.14
C LEU A 598 12.29 25.70 -14.97
N ASP A 599 11.11 26.21 -14.58
CA ASP A 599 10.54 27.36 -15.22
C ASP A 599 11.48 28.51 -15.01
N ILE A 600 12.12 28.59 -13.83
CA ILE A 600 13.08 29.64 -13.60
C ILE A 600 14.47 29.32 -14.19
N LEU A 601 14.96 28.13 -13.91
CA LEU A 601 16.26 27.69 -14.40
C LEU A 601 16.36 27.83 -15.91
N TRP A 602 15.34 27.37 -16.61
CA TRP A 602 15.26 27.47 -18.05
C TRP A 602 14.50 28.71 -18.56
N ASN A 603 14.47 29.79 -17.80
CA ASN A 603 13.85 31.03 -18.28
C ASN A 603 14.48 31.47 -19.60
N ASP A 604 13.66 31.98 -20.51
CA ASP A 604 14.13 32.34 -21.85
C ASP A 604 15.30 33.31 -21.90
N ASP A 605 15.43 34.19 -20.93
CA ASP A 605 16.52 35.13 -20.90
C ASP A 605 17.79 34.63 -20.21
N ASP A 606 17.85 33.35 -19.87
CA ASP A 606 19.03 32.83 -19.14
C ASP A 606 19.57 31.60 -19.87
N ASN A 607 20.88 31.57 -20.10
CA ASN A 607 21.53 30.40 -20.78
C ASN A 607 22.29 29.53 -19.80
N ARG A 608 22.37 29.94 -18.57
CA ARG A 608 23.30 29.29 -17.64
C ARG A 608 23.01 27.81 -17.41
N TYR A 609 21.74 27.42 -17.49
CA TYR A 609 21.26 26.06 -17.09
C TYR A 609 20.78 25.23 -18.25
N ILE A 610 21.07 25.65 -19.49
CA ILE A 610 20.53 24.93 -20.66
C ILE A 610 21.19 23.59 -20.87
N SER A 611 22.26 23.29 -20.13
CA SER A 611 22.88 21.95 -20.12
C SER A 611 22.81 21.22 -18.78
N ILE A 612 21.89 21.65 -17.93
CA ILE A 612 21.84 21.19 -16.54
C ILE A 612 21.94 19.67 -16.33
N PHE A 613 21.30 18.91 -17.19
CA PHE A 613 21.25 17.47 -17.10
C PHE A 613 22.15 16.71 -18.12
N LYS A 614 22.80 17.42 -19.06
CA LYS A 614 23.51 16.76 -20.19
C LYS A 614 24.71 15.91 -19.72
N GLY A 615 25.42 16.36 -18.69
CA GLY A 615 26.45 15.54 -18.06
C GLY A 615 25.96 14.32 -17.27
N LEU A 616 24.67 14.02 -17.32
CA LEU A 616 24.19 12.80 -16.70
C LEU A 616 24.23 11.77 -17.80
N LYS A 617 25.45 11.31 -18.08
CA LYS A 617 25.75 10.61 -19.32
C LYS A 617 25.11 9.26 -19.41
N ASN A 618 24.71 8.70 -18.27
CA ASN A 618 24.15 7.36 -18.25
C ASN A 618 22.62 7.31 -18.03
N LEU A 619 21.95 8.45 -17.99
CA LEU A 619 20.57 8.51 -17.50
C LEU A 619 19.59 7.86 -18.41
N THR A 620 18.71 7.05 -17.84
CA THR A 620 17.58 6.47 -18.59
C THR A 620 16.20 6.93 -18.15
N ARG A 621 16.06 7.55 -16.98
CA ARG A 621 14.70 7.82 -16.44
C ARG A 621 14.81 9.21 -15.84
N LEU A 622 14.00 10.17 -16.33
CA LEU A 622 14.08 11.50 -15.78
C LEU A 622 12.71 12.04 -15.53
N ASP A 623 12.52 12.71 -14.39
CA ASP A 623 11.21 13.17 -13.94
C ASP A 623 11.35 14.67 -13.64
N LEU A 624 10.74 15.44 -14.56
CA LEU A 624 10.63 16.87 -14.52
C LEU A 624 9.20 17.30 -14.22
N SER A 625 8.42 16.42 -13.60
CA SER A 625 7.10 16.85 -13.25
C SER A 625 7.13 17.98 -12.22
N LEU A 626 6.03 18.71 -12.14
CA LEU A 626 5.75 19.70 -11.04
C LEU A 626 6.83 20.76 -10.98
N ASN A 627 7.21 21.22 -12.17
CA ASN A 627 8.21 22.25 -12.30
C ASN A 627 7.70 23.59 -12.90
N ARG A 628 6.38 23.76 -13.02
CA ARG A 628 5.74 24.99 -13.51
C ARG A 628 6.12 25.38 -14.94
N LEU A 629 6.50 24.40 -15.75
CA LEU A 629 7.00 24.68 -17.09
C LEU A 629 5.88 25.07 -18.05
N LYS A 630 6.04 26.21 -18.68
CA LYS A 630 5.12 26.66 -19.74
C LYS A 630 5.64 26.23 -21.09
N HIS A 631 6.95 26.21 -21.26
CA HIS A 631 7.53 25.58 -22.45
C HIS A 631 8.98 25.36 -22.11
N ILE A 632 9.63 24.46 -22.85
CA ILE A 632 11.08 24.16 -22.65
C ILE A 632 11.77 24.71 -23.88
N PRO A 633 12.81 25.54 -23.70
CA PRO A 633 13.58 26.02 -24.84
C PRO A 633 14.13 24.83 -25.62
N ASN A 634 14.21 25.01 -26.94
CA ASN A 634 14.55 23.91 -27.81
C ASN A 634 15.90 23.37 -27.47
N GLU A 635 16.82 24.29 -27.28
CA GLU A 635 18.16 23.93 -26.98
C GLU A 635 18.29 23.19 -25.64
N ALA A 636 17.45 23.54 -24.66
CA ALA A 636 17.52 22.81 -23.38
C ALA A 636 16.95 21.39 -23.56
N PHE A 637 15.88 21.26 -24.36
CA PHE A 637 15.33 19.94 -24.58
C PHE A 637 16.38 19.04 -25.32
N LEU A 638 17.07 19.61 -26.28
CA LEU A 638 18.07 18.89 -27.05
C LEU A 638 19.25 18.52 -26.19
N ASN A 639 19.47 19.24 -25.07
CA ASN A 639 20.52 18.88 -24.17
C ASN A 639 20.13 17.88 -23.08
N LEU A 640 18.93 17.32 -23.14
CA LEU A 640 18.61 16.21 -22.29
C LEU A 640 19.48 15.00 -22.76
N PRO A 641 19.95 14.14 -21.83
CA PRO A 641 20.68 12.91 -22.20
C PRO A 641 20.04 12.10 -23.32
N ALA A 642 20.82 11.79 -24.35
CA ALA A 642 20.32 10.95 -25.43
C ALA A 642 20.07 9.51 -25.02
N SER A 643 20.66 9.08 -23.91
CA SER A 643 20.32 7.76 -23.35
C SER A 643 18.90 7.57 -22.81
N LEU A 644 18.13 8.62 -22.61
CA LEU A 644 16.85 8.46 -21.93
C LEU A 644 15.99 7.45 -22.56
N THR A 645 15.40 6.59 -21.73
CA THR A 645 14.31 5.68 -22.18
C THR A 645 12.92 6.06 -21.66
N GLU A 646 12.90 7.00 -20.68
CA GLU A 646 11.70 7.35 -19.90
C GLU A 646 11.76 8.78 -19.42
N LEU A 647 10.77 9.56 -19.86
CA LEU A 647 10.75 10.98 -19.60
C LEU A 647 9.36 11.39 -19.16
N HIS A 648 9.31 12.09 -18.02
CA HIS A 648 8.04 12.55 -17.41
C HIS A 648 8.14 14.02 -17.32
N ILE A 649 7.16 14.68 -17.92
CA ILE A 649 6.98 16.09 -17.78
C ILE A 649 5.53 16.44 -17.40
N ASN A 650 4.91 15.55 -16.64
CA ASN A 650 3.53 15.67 -16.32
C ASN A 650 3.38 16.77 -15.26
N ASP A 651 2.17 17.32 -15.14
CA ASP A 651 1.76 18.26 -14.13
C ASP A 651 2.63 19.48 -14.17
N ASN A 652 2.81 20.00 -15.38
CA ASN A 652 3.41 21.28 -15.55
C ASN A 652 2.31 22.17 -16.17
N MET A 653 2.64 23.20 -16.93
CA MET A 653 1.61 23.99 -17.62
C MET A 653 2.01 24.12 -19.06
N LEU A 654 2.50 23.04 -19.67
CA LEU A 654 3.04 23.11 -21.02
C LEU A 654 1.97 23.52 -22.03
N LYS A 655 2.24 24.60 -22.70
CA LYS A 655 1.34 25.03 -23.77
C LYS A 655 1.91 24.61 -25.14
N PHE A 656 3.15 24.13 -25.17
CA PHE A 656 3.81 23.83 -26.43
C PHE A 656 4.75 22.64 -26.24
N PHE A 657 4.80 21.73 -27.21
CA PHE A 657 5.81 20.68 -27.20
C PHE A 657 6.39 20.49 -28.59
N ASN A 658 7.72 20.64 -28.68
CA ASN A 658 8.43 20.39 -29.93
C ASN A 658 8.72 18.92 -30.23
N TRP A 659 7.74 18.29 -30.86
CA TRP A 659 7.85 16.90 -31.26
C TRP A 659 9.04 16.52 -32.15
N THR A 660 9.54 17.46 -32.93
CA THR A 660 10.63 17.15 -33.86
C THR A 660 11.88 16.84 -33.05
N LEU A 661 11.96 17.33 -31.82
CA LEU A 661 13.15 17.09 -31.04
C LEU A 661 13.27 15.65 -30.55
N LEU A 662 12.19 14.88 -30.68
CA LEU A 662 12.24 13.47 -30.36
C LEU A 662 13.22 12.66 -31.23
N GLN A 663 13.56 13.18 -32.40
CA GLN A 663 14.61 12.61 -33.23
C GLN A 663 15.92 12.43 -32.51
N GLN A 664 16.25 13.31 -31.59
CA GLN A 664 17.55 13.17 -30.90
C GLN A 664 17.51 12.17 -29.74
N PHE A 665 16.43 11.38 -29.62
CA PHE A 665 16.24 10.42 -28.48
C PHE A 665 15.81 9.10 -28.97
N PRO A 666 16.80 8.35 -29.51
CA PRO A 666 16.51 7.11 -30.20
C PRO A 666 16.15 5.95 -29.27
N ARG A 667 16.50 6.03 -27.99
CA ARG A 667 16.09 4.99 -27.04
C ARG A 667 14.76 5.33 -26.27
N LEU A 668 14.13 6.48 -26.57
CA LEU A 668 12.98 6.92 -25.81
C LEU A 668 11.76 6.01 -25.97
N GLU A 669 11.33 5.37 -24.90
CA GLU A 669 10.19 4.45 -24.90
C GLU A 669 8.89 4.97 -24.24
N LEU A 670 9.02 5.86 -23.27
CA LEU A 670 7.84 6.34 -22.56
C LEU A 670 7.98 7.82 -22.45
N LEU A 671 6.96 8.52 -22.95
CA LEU A 671 6.84 9.97 -22.79
C LEU A 671 5.52 10.33 -22.07
N ASP A 672 5.65 11.03 -20.95
CA ASP A 672 4.51 11.30 -20.06
C ASP A 672 4.35 12.79 -20.08
N LEU A 673 3.26 13.23 -20.69
CA LEU A 673 2.98 14.67 -20.74
C LEU A 673 1.61 14.94 -20.13
N ARG A 674 1.16 14.08 -19.22
CA ARG A 674 -0.20 14.25 -18.72
C ARG A 674 -0.20 15.50 -17.88
N GLY A 675 -1.37 16.08 -17.76
CA GLY A 675 -1.61 17.25 -16.91
C GLY A 675 -0.97 18.53 -17.37
N ASN A 676 -1.09 18.85 -18.65
CA ASN A 676 -0.49 20.09 -19.15
C ASN A 676 -1.60 20.85 -19.90
N LYS A 677 -1.26 21.77 -20.79
CA LYS A 677 -2.24 22.55 -21.56
C LYS A 677 -1.93 22.45 -23.06
N LEU A 678 -1.41 21.29 -23.48
CA LEU A 678 -1.13 21.02 -24.90
C LEU A 678 -2.37 20.98 -25.76
N LEU A 679 -2.28 21.62 -26.93
CA LEU A 679 -3.32 21.64 -27.95
C LEU A 679 -2.90 20.88 -29.18
N PHE A 680 -1.60 20.81 -29.46
CA PHE A 680 -1.12 20.38 -30.76
C PHE A 680 -0.36 19.04 -30.66
N LEU A 681 -0.88 18.05 -31.39
CA LEU A 681 -0.17 16.83 -31.77
C LEU A 681 0.41 16.92 -33.19
N THR A 682 1.65 16.45 -33.37
CA THR A 682 2.24 16.40 -34.68
C THR A 682 1.50 15.38 -35.50
N ASP A 683 1.54 15.59 -36.81
CA ASP A 683 0.89 14.70 -37.77
C ASP A 683 1.90 13.68 -38.30
N SER A 684 3.19 13.92 -38.00
CA SER A 684 4.34 13.14 -38.48
C SER A 684 5.23 12.52 -37.36
N LEU A 685 4.62 12.04 -36.28
CA LEU A 685 5.39 11.37 -35.19
C LEU A 685 6.40 10.35 -35.70
N SER A 686 5.98 9.48 -36.64
CA SER A 686 6.91 8.44 -37.24
C SER A 686 8.20 8.99 -37.85
N ASP A 687 8.20 10.24 -38.27
CA ASP A 687 9.41 10.89 -38.72
C ASP A 687 10.34 11.22 -37.57
N PHE A 688 9.80 11.31 -36.36
CA PHE A 688 10.60 11.80 -35.25
C PHE A 688 10.96 10.71 -34.26
N THR A 689 10.28 9.58 -34.31
CA THR A 689 10.62 8.48 -33.41
C THR A 689 10.22 7.10 -33.93
N SER A 690 11.10 6.13 -33.72
CA SER A 690 10.73 4.74 -33.98
C SER A 690 10.89 3.88 -32.71
N SER A 691 11.15 4.51 -31.58
CA SER A 691 11.24 3.81 -30.29
C SER A 691 10.02 3.90 -29.34
N LEU A 692 9.26 4.96 -29.48
CA LEU A 692 8.30 5.31 -28.44
C LEU A 692 7.18 4.29 -28.36
N ARG A 693 6.98 3.77 -27.16
CA ARG A 693 6.01 2.72 -26.92
C ARG A 693 4.80 3.22 -26.23
N THR A 694 5.01 4.13 -25.29
CA THR A 694 3.88 4.67 -24.53
C THR A 694 3.93 6.15 -24.56
N LEU A 695 2.81 6.74 -24.91
CA LEU A 695 2.63 8.17 -24.93
C LEU A 695 1.42 8.55 -24.11
N LEU A 696 1.68 9.32 -23.04
CA LEU A 696 0.64 9.72 -22.11
C LEU A 696 0.32 11.18 -22.22
N LEU A 697 -0.93 11.43 -22.59
CA LEU A 697 -1.42 12.78 -22.85
C LEU A 697 -2.75 13.14 -22.22
N SER A 698 -3.19 12.38 -21.21
CA SER A 698 -4.44 12.71 -20.53
C SER A 698 -4.29 14.01 -19.81
N HIS A 699 -5.43 14.66 -19.63
CA HIS A 699 -5.49 16.00 -18.96
C HIS A 699 -4.73 17.08 -19.73
N ASN A 700 -5.03 17.18 -21.02
CA ASN A 700 -4.54 18.23 -21.88
C ASN A 700 -5.73 18.81 -22.63
N ARG A 701 -5.49 19.63 -23.65
CA ARG A 701 -6.53 20.35 -24.36
C ARG A 701 -6.54 20.02 -25.84
N ILE A 702 -6.20 18.81 -26.20
CA ILE A 702 -6.18 18.38 -27.57
C ILE A 702 -7.62 18.18 -28.05
N SER A 703 -8.04 18.94 -29.06
CA SER A 703 -9.37 18.80 -29.66
C SER A 703 -9.30 18.21 -31.07
N HIS A 704 -8.11 17.95 -31.57
CA HIS A 704 -7.97 17.46 -32.91
C HIS A 704 -6.86 16.40 -32.99
N LEU A 705 -7.23 15.24 -33.51
CA LEU A 705 -6.24 14.23 -33.88
C LEU A 705 -5.95 14.39 -35.38
N PRO A 706 -4.67 14.63 -35.78
CA PRO A 706 -4.40 14.81 -37.22
C PRO A 706 -4.56 13.56 -38.10
N SER A 707 -4.90 13.80 -39.37
CA SER A 707 -4.77 12.84 -40.50
C SER A 707 -3.48 12.04 -40.39
N GLY A 708 -3.58 10.73 -40.44
CA GLY A 708 -2.42 9.84 -40.26
C GLY A 708 -1.62 10.13 -39.01
N PHE A 709 -2.32 10.29 -37.89
CA PHE A 709 -1.63 10.46 -36.63
C PHE A 709 -0.85 9.19 -36.32
N LEU A 710 -1.56 8.07 -36.33
CA LEU A 710 -0.95 6.75 -36.10
C LEU A 710 0.22 6.41 -37.01
N SER A 711 0.17 6.85 -38.28
CA SER A 711 1.18 6.48 -39.26
C SER A 711 2.49 7.25 -39.11
N GLU A 712 3.61 6.58 -39.44
CA GLU A 712 3.75 5.11 -39.49
C GLU A 712 4.47 4.68 -38.16
N VAL A 713 3.80 4.88 -37.02
CA VAL A 713 4.44 4.72 -35.69
C VAL A 713 4.30 3.29 -35.17
N SER A 714 5.02 2.39 -35.82
CA SER A 714 5.01 0.96 -35.52
C SER A 714 5.13 0.71 -34.02
N SER A 715 6.10 1.36 -33.37
CA SER A 715 6.44 1.05 -31.98
C SER A 715 5.36 1.41 -30.94
N LEU A 716 4.37 2.25 -31.26
CA LEU A 716 3.45 2.79 -30.23
C LEU A 716 2.43 1.73 -29.78
N LYS A 717 2.54 1.28 -28.50
CA LYS A 717 1.61 0.24 -27.98
C LYS A 717 0.45 0.87 -27.20
N HIS A 718 0.75 1.96 -26.49
CA HIS A 718 -0.21 2.53 -25.53
C HIS A 718 -0.31 4.04 -25.70
N LEU A 719 -1.52 4.52 -26.00
CA LEU A 719 -1.76 5.92 -26.25
C LEU A 719 -2.88 6.36 -25.39
N ASP A 720 -2.60 7.38 -24.60
CA ASP A 720 -3.57 7.77 -23.58
C ASP A 720 -4.01 9.15 -23.91
N LEU A 721 -5.24 9.25 -24.37
CA LEU A 721 -5.85 10.52 -24.79
C LEU A 721 -7.05 10.89 -23.92
N SER A 722 -7.21 10.23 -22.77
CA SER A 722 -8.31 10.50 -21.87
C SER A 722 -8.27 11.90 -21.38
N SER A 723 -9.46 12.39 -21.06
CA SER A 723 -9.64 13.77 -20.56
C SER A 723 -8.99 14.89 -21.38
N ASN A 724 -9.20 14.88 -22.68
CA ASN A 724 -8.84 16.01 -23.49
C ASN A 724 -10.14 16.60 -24.00
N LEU A 725 -10.10 17.35 -25.12
CA LEU A 725 -11.27 18.03 -25.70
C LEU A 725 -11.67 17.46 -27.07
N LEU A 726 -11.43 16.18 -27.29
CA LEU A 726 -11.80 15.55 -28.58
C LEU A 726 -13.31 15.46 -28.67
N LYS A 727 -13.84 15.94 -29.79
CA LYS A 727 -15.30 15.83 -30.09
C LYS A 727 -15.57 14.66 -30.99
N THR A 728 -14.54 14.23 -31.70
CA THR A 728 -14.73 13.20 -32.68
C THR A 728 -13.37 12.72 -33.03
N ILE A 729 -13.32 11.58 -33.67
CA ILE A 729 -12.09 11.07 -34.25
C ILE A 729 -12.47 10.64 -35.67
N ASN A 730 -11.84 11.26 -36.67
CA ASN A 730 -12.10 10.96 -38.08
C ASN A 730 -11.39 9.71 -38.54
N LYS A 731 -11.86 9.16 -39.66
CA LYS A 731 -11.33 7.89 -40.18
C LYS A 731 -9.85 7.90 -40.48
N SER A 732 -9.35 8.99 -41.04
CA SER A 732 -7.92 9.09 -41.37
C SER A 732 -7.03 9.39 -40.18
N ALA A 733 -7.57 9.60 -38.98
CA ALA A 733 -6.72 9.86 -37.82
C ALA A 733 -6.05 8.56 -37.30
N LEU A 734 -6.87 7.52 -37.29
CA LEU A 734 -6.38 6.18 -37.04
C LEU A 734 -6.46 5.53 -38.39
N GLU A 735 -5.30 5.41 -39.00
CA GLU A 735 -5.15 4.70 -40.24
C GLU A 735 -3.69 4.64 -40.48
N THR A 736 -3.24 3.42 -40.71
CA THR A 736 -1.93 3.16 -41.25
C THR A 736 -2.29 2.08 -42.26
N LYS A 737 -1.53 1.97 -43.33
CA LYS A 737 -1.65 0.78 -44.18
C LYS A 737 -0.56 -0.21 -43.74
N THR A 738 0.40 0.27 -42.95
CA THR A 738 1.40 -0.56 -42.26
C THR A 738 0.82 -1.27 -41.01
N THR A 739 1.67 -1.96 -40.24
CA THR A 739 1.20 -2.77 -39.09
C THR A 739 1.21 -2.04 -37.71
N THR A 740 0.00 -1.68 -37.29
CA THR A 740 -0.28 -1.05 -35.98
C THR A 740 -0.05 -2.02 -34.81
N LYS A 741 1.01 -1.82 -34.02
CA LYS A 741 1.12 -2.53 -32.73
C LYS A 741 0.40 -1.89 -31.51
N LEU A 742 -0.56 -1.00 -31.76
CA LEU A 742 -1.35 -0.33 -30.74
C LEU A 742 -2.25 -1.37 -30.08
N SER A 743 -2.09 -1.54 -28.77
CA SER A 743 -2.92 -2.45 -28.03
C SER A 743 -3.77 -1.71 -27.00
N MET A 744 -3.39 -0.48 -26.65
CA MET A 744 -4.25 0.33 -25.77
C MET A 744 -4.43 1.77 -26.12
N LEU A 745 -5.69 2.18 -26.12
CA LEU A 745 -6.10 3.54 -26.44
C LEU A 745 -7.11 4.06 -25.41
N GLU A 746 -6.70 5.05 -24.63
CA GLU A 746 -7.61 5.60 -23.61
C GLU A 746 -8.30 6.87 -24.12
N LEU A 747 -9.62 6.90 -24.00
CA LEU A 747 -10.45 7.98 -24.52
C LEU A 747 -11.49 8.54 -23.55
N HIS A 748 -11.53 8.03 -22.32
CA HIS A 748 -12.60 8.41 -21.42
C HIS A 748 -12.44 9.88 -21.04
N GLY A 749 -13.57 10.53 -20.72
CA GLY A 749 -13.58 11.95 -20.37
C GLY A 749 -13.39 12.91 -21.51
N ASN A 750 -13.61 12.49 -22.76
CA ASN A 750 -13.64 13.44 -23.91
C ASN A 750 -15.07 13.81 -24.26
N PRO A 751 -15.27 15.10 -24.62
CA PRO A 751 -16.65 15.57 -24.82
C PRO A 751 -17.14 15.16 -26.19
N PHE A 752 -17.43 13.89 -26.38
CA PHE A 752 -17.67 13.40 -27.72
C PHE A 752 -19.03 13.87 -28.25
N GLU A 753 -19.04 14.34 -29.51
CA GLU A 753 -20.32 14.64 -30.17
C GLU A 753 -20.94 13.39 -30.82
N CYS A 754 -22.08 12.91 -30.31
CA CYS A 754 -22.70 11.68 -30.81
C CYS A 754 -23.78 11.96 -31.87
N THR A 755 -23.31 12.34 -33.04
CA THR A 755 -24.13 12.39 -34.21
C THR A 755 -23.54 11.36 -35.15
N CYS A 756 -23.95 11.34 -36.41
CA CYS A 756 -23.45 10.33 -37.37
C CYS A 756 -21.98 10.48 -37.67
N ASP A 757 -21.39 11.63 -37.37
CA ASP A 757 -19.93 11.80 -37.46
C ASP A 757 -19.12 10.86 -36.53
N ILE A 758 -19.74 10.25 -35.52
CA ILE A 758 -19.03 9.32 -34.61
C ILE A 758 -18.89 7.94 -35.24
N GLY A 759 -19.80 7.65 -36.16
CA GLY A 759 -19.92 6.32 -36.81
C GLY A 759 -18.66 5.73 -37.40
N ASP A 760 -17.79 6.58 -37.95
CA ASP A 760 -16.51 6.11 -38.43
C ASP A 760 -15.63 5.53 -37.31
N PHE A 761 -15.54 6.25 -36.20
CA PHE A 761 -14.77 5.75 -35.09
C PHE A 761 -15.42 4.46 -34.55
N ARG A 762 -16.73 4.45 -34.38
CA ARG A 762 -17.43 3.24 -34.00
C ARG A 762 -17.09 2.04 -34.88
N ARG A 763 -17.10 2.28 -36.19
CA ARG A 763 -16.74 1.23 -37.14
C ARG A 763 -15.31 0.79 -36.91
N TRP A 764 -14.44 1.76 -36.66
CA TRP A 764 -13.05 1.44 -36.39
C TRP A 764 -12.99 0.53 -35.16
N MET A 765 -13.74 0.87 -34.10
CA MET A 765 -13.74 0.04 -32.88
C MET A 765 -14.16 -1.37 -33.19
N ASP A 766 -15.22 -1.53 -33.97
CA ASP A 766 -15.64 -2.88 -34.41
C ASP A 766 -14.52 -3.65 -35.14
N GLU A 767 -13.77 -2.94 -35.98
CA GLU A 767 -12.78 -3.56 -36.83
C GLU A 767 -11.43 -3.78 -36.19
N HIS A 768 -11.25 -3.37 -34.93
CA HIS A 768 -9.98 -3.54 -34.24
C HIS A 768 -10.20 -3.96 -32.81
N LEU A 769 -10.85 -5.11 -32.66
CA LEU A 769 -11.20 -5.61 -31.34
C LEU A 769 -9.98 -5.79 -30.42
N ASN A 770 -8.81 -6.03 -31.01
CA ASN A 770 -7.54 -6.15 -30.26
C ASN A 770 -6.95 -4.87 -29.65
N VAL A 771 -7.58 -3.72 -29.88
CA VAL A 771 -7.07 -2.48 -29.33
C VAL A 771 -8.00 -2.21 -28.20
N LYS A 772 -7.52 -2.42 -26.96
CA LYS A 772 -8.39 -2.24 -25.77
C LYS A 772 -8.66 -0.77 -25.54
N ILE A 773 -9.94 -0.45 -25.38
CA ILE A 773 -10.39 0.85 -24.95
C ILE A 773 -11.04 0.64 -23.62
N PRO A 774 -10.35 1.01 -22.54
CA PRO A 774 -10.90 0.76 -21.23
C PRO A 774 -12.06 1.71 -20.86
N ARG A 775 -12.86 1.26 -19.89
CA ARG A 775 -13.87 2.09 -19.30
C ARG A 775 -14.72 2.80 -20.37
N LEU A 776 -15.33 2.00 -21.22
CA LEU A 776 -16.25 2.48 -22.22
C LEU A 776 -17.46 3.11 -21.62
N VAL A 777 -17.82 2.72 -20.41
CA VAL A 777 -18.94 3.38 -19.71
C VAL A 777 -18.62 4.84 -19.40
N ASP A 778 -17.32 5.20 -19.36
CA ASP A 778 -16.86 6.57 -19.16
C ASP A 778 -16.41 7.27 -20.48
N VAL A 779 -16.72 6.66 -21.63
CA VAL A 779 -16.41 7.26 -22.94
C VAL A 779 -17.73 7.77 -23.43
N ILE A 780 -18.08 8.97 -22.98
CA ILE A 780 -19.45 9.48 -22.89
C ILE A 780 -19.75 10.56 -23.95
N CYS A 781 -21.02 10.69 -24.35
CA CYS A 781 -21.45 11.73 -25.30
C CYS A 781 -21.70 13.01 -24.52
N ALA A 782 -21.16 14.13 -24.98
CA ALA A 782 -21.47 15.45 -24.38
C ALA A 782 -22.57 16.16 -25.15
N SER A 783 -22.85 15.70 -26.37
CA SER A 783 -23.74 16.38 -27.30
C SER A 783 -24.16 15.38 -28.41
N PRO A 784 -25.40 15.48 -28.93
CA PRO A 784 -26.50 16.36 -28.51
C PRO A 784 -27.25 15.83 -27.26
N GLY A 785 -28.27 16.56 -26.80
CA GLY A 785 -28.91 16.37 -25.50
C GLY A 785 -29.63 15.06 -25.32
N ASP A 786 -30.12 14.51 -26.41
CA ASP A 786 -30.70 13.17 -26.38
C ASP A 786 -29.61 12.15 -26.04
N GLN A 787 -28.41 12.34 -26.57
CA GLN A 787 -27.31 11.38 -26.37
C GLN A 787 -26.54 11.57 -25.07
N ARG A 788 -26.45 12.84 -24.63
CA ARG A 788 -25.67 13.25 -23.44
C ARG A 788 -25.74 12.28 -22.28
N GLY A 789 -24.58 11.84 -21.82
CA GLY A 789 -24.49 10.94 -20.68
C GLY A 789 -24.28 9.50 -21.09
N LYS A 790 -24.68 9.16 -22.31
CA LYS A 790 -24.65 7.77 -22.75
C LYS A 790 -23.29 7.48 -23.31
N SER A 791 -22.78 6.29 -23.03
CA SER A 791 -21.60 5.74 -23.69
C SER A 791 -21.66 5.82 -25.22
N ILE A 792 -20.56 6.15 -25.88
CA ILE A 792 -20.56 6.17 -27.35
C ILE A 792 -20.92 4.83 -27.95
N VAL A 793 -20.53 3.75 -27.27
CA VAL A 793 -20.82 2.39 -27.69
C VAL A 793 -22.32 2.09 -27.69
N SER A 794 -23.05 2.48 -26.65
CA SER A 794 -24.50 2.24 -26.64
C SER A 794 -25.26 3.44 -27.19
N LEU A 795 -25.48 3.43 -28.51
CA LEU A 795 -26.09 4.56 -29.22
C LEU A 795 -27.11 4.07 -30.27
C1 NAG B . -4.60 -10.71 15.63
C2 NAG B . -5.10 -9.72 14.59
C3 NAG B . -5.36 -10.47 13.27
C4 NAG B . -4.18 -11.33 12.85
C5 NAG B . -3.81 -12.18 14.07
C6 NAG B . -2.62 -13.09 13.85
C7 NAG B . -6.66 -7.84 15.03
C8 NAG B . -8.08 -7.50 15.36
N2 NAG B . -6.36 -9.14 14.98
O3 NAG B . -5.85 -9.55 12.30
O4 NAG B . -4.43 -12.27 11.84
O5 NAG B . -3.44 -11.34 15.15
O6 NAG B . -1.61 -12.21 13.47
O7 NAG B . -5.87 -6.94 14.84
C1 NAG B . -4.44 -11.70 10.51
C2 NAG B . -4.35 -12.82 9.49
C3 NAG B . -4.09 -12.23 8.10
C4 NAG B . -5.30 -11.36 7.72
C5 NAG B . -5.68 -10.45 8.89
C6 NAG B . -7.08 -9.95 8.68
C7 NAG B . -3.13 -14.97 9.60
C8 NAG B . -4.33 -15.73 9.24
N2 NAG B . -3.23 -13.67 9.72
O3 NAG B . -3.94 -13.32 7.26
O4 NAG B . -4.88 -10.51 6.68
O5 NAG B . -5.63 -11.03 10.20
O6 NAG B . -6.97 -8.63 9.11
O7 NAG B . -2.05 -15.53 9.83
C1 BMA B . -5.59 -10.80 5.46
C2 BMA B . -5.21 -9.77 4.44
C3 BMA B . -5.81 -10.02 3.06
C4 BMA B . -5.73 -11.48 2.64
C5 BMA B . -6.03 -12.46 3.79
C6 BMA B . -5.79 -13.94 3.41
O2 BMA B . -3.82 -9.89 4.32
O3 BMA B . -5.09 -9.23 2.11
O4 BMA B . -6.74 -11.65 1.64
O5 BMA B . -5.23 -12.08 4.92
O6 BMA B . -4.45 -14.30 2.99
C1 MAN B . -5.97 -8.40 1.32
C2 MAN B . -5.26 -7.86 0.06
C3 MAN B . -4.18 -6.90 0.53
C4 MAN B . -4.81 -5.75 1.28
C5 MAN B . -5.47 -6.36 2.51
C6 MAN B . -6.07 -5.26 3.37
O2 MAN B . -6.21 -7.26 -0.76
O3 MAN B . -3.36 -6.34 -0.43
O4 MAN B . -3.78 -4.86 1.65
O5 MAN B . -6.46 -7.33 2.10
O6 MAN B . -7.14 -4.58 2.75
C1 NAG C . 12.52 6.66 6.29
C2 NAG C . 11.76 5.66 5.41
C3 NAG C . 10.58 6.33 4.79
C4 NAG C . 9.72 6.88 5.92
C5 NAG C . 10.54 7.81 6.81
C6 NAG C . 9.66 8.30 8.02
C7 NAG C . 13.16 4.21 4.06
C8 NAG C . 14.03 4.12 2.85
N2 NAG C . 12.64 5.40 4.31
O3 NAG C . 9.89 5.43 3.95
O4 NAG C . 8.64 7.65 5.39
O5 NAG C . 11.71 7.15 7.29
O6 NAG C . 9.36 7.15 8.79
O7 NAG C . 12.97 3.25 4.74
C1 NAG C . 7.42 6.88 5.39
C2 NAG C . 6.21 7.80 5.49
C3 NAG C . 4.88 7.08 5.23
C4 NAG C . 4.89 6.31 3.91
C5 NAG C . 6.10 5.42 3.96
C6 NAG C . 6.21 4.72 2.60
C7 NAG C . 6.46 9.87 6.77
C8 NAG C . 6.30 10.63 8.06
N2 NAG C . 6.11 8.58 6.73
O3 NAG C . 4.02 8.16 5.05
O4 NAG C . 3.69 5.60 3.56
O5 NAG C . 7.29 6.20 4.19
O6 NAG C . 7.43 5.08 1.96
O7 NAG C . 6.90 10.42 5.78
C1 NAG D . 12.68 9.49 -4.59
C2 NAG D . 11.45 8.99 -3.82
C3 NAG D . 11.53 7.48 -3.68
C4 NAG D . 11.72 6.87 -5.10
C5 NAG D . 13.01 7.42 -5.67
C6 NAG D . 13.33 6.81 -7.05
C7 NAG D . 10.26 10.28 -2.02
C8 NAG D . 10.32 10.76 -0.60
N2 NAG D . 11.32 9.56 -2.46
O3 NAG D . 10.29 7.03 -3.19
O4 NAG D . 11.84 5.49 -4.91
O5 NAG D . 12.76 8.80 -5.84
O6 NAG D . 12.33 7.11 -7.96
O7 NAG D . 9.28 10.55 -2.70
C1 NAG D . 11.09 4.65 -5.74
C2 NAG D . 11.63 3.22 -5.59
C3 NAG D . 10.96 2.38 -6.65
C4 NAG D . 9.48 2.42 -6.49
C5 NAG D . 9.02 3.88 -6.51
C6 NAG D . 7.55 3.97 -6.20
C7 NAG D . 14.00 3.03 -4.98
C8 NAG D . 15.40 3.04 -5.45
N2 NAG D . 13.07 3.17 -5.90
O3 NAG D . 11.41 1.08 -6.44
O4 NAG D . 8.96 1.68 -7.56
O5 NAG D . 9.70 4.64 -5.52
O6 NAG D . 7.28 5.34 -6.09
O7 NAG D . 13.74 2.90 -3.79
C1 BMA D . 7.82 0.85 -7.21
C2 BMA D . 7.10 0.53 -8.53
C3 BMA D . 5.85 -0.30 -8.27
C4 BMA D . 6.30 -1.60 -7.68
C5 BMA D . 7.39 -1.55 -6.60
C6 BMA D . 8.32 -2.73 -6.91
O2 BMA D . 8.07 -0.15 -9.29
O3 BMA D . 4.98 -0.57 -9.40
O4 BMA D . 5.11 -2.07 -7.08
O5 BMA D . 8.17 -0.34 -6.51
O6 BMA D . 9.23 -2.98 -5.85
CAQ M0A E . 3.29 5.85 23.83
CAP M0A E . 3.00 7.15 24.53
CAO M0A E . 2.01 6.98 25.66
CAN M0A E . 1.37 8.27 26.23
CAL M0A E . 2.29 9.41 25.93
NAK M0A E . 2.06 10.37 25.04
CAH M0A E . 3.12 11.20 25.10
CAG M0A E . 3.43 12.30 24.41
NAR M0A E . 2.50 12.75 23.53
NAI M0A E . 4.59 12.95 24.58
CAA M0A E . 5.48 12.47 25.50
CAC M0A E . 6.67 13.13 25.65
CAE M0A E . 7.59 12.64 26.57
CAF M0A E . 7.33 11.48 27.30
CAD M0A E . 6.13 10.83 27.12
CAB M0A E . 5.20 11.35 26.24
CAJ M0A E . 4.00 10.72 26.01
NAM M0A E . 3.46 9.60 26.50
CAS M0A E . 3.90 8.73 27.61
CAT M0A E . 3.75 9.65 28.90
CAU M0A E . 2.89 10.77 29.05
CAV M0A E . 4.59 9.42 30.01
CAX M0A E . 4.57 10.21 31.16
CAY M0A E . 3.70 11.28 31.28
CAW M0A E . 2.86 11.58 30.23
CAZ M0A E . 1.98 12.78 30.48
NBA M0A E . 0.84 12.82 29.53
C1 NAG F . 17.77 -19.47 13.06
C2 NAG F . 17.36 -20.94 13.52
C3 NAG F . 17.82 -22.12 12.64
C4 NAG F . 17.46 -21.91 11.17
C5 NAG F . 17.84 -20.51 10.72
C6 NAG F . 17.17 -20.31 9.35
C7 NAG F . 16.70 -21.48 15.85
C8 NAG F . 17.16 -21.78 17.25
N2 NAG F . 17.64 -21.26 14.92
O3 NAG F . 17.14 -23.32 12.98
O4 NAG F . 18.11 -22.85 10.35
O5 NAG F . 17.45 -19.49 11.64
O6 NAG F . 17.59 -19.08 8.82
O7 NAG F . 15.48 -21.46 15.65
C1 NAG G . 25.48 2.92 -16.35
C2 NAG G . 26.75 2.53 -15.58
C3 NAG G . 26.82 1.00 -15.58
C4 NAG G . 25.51 0.42 -15.13
C5 NAG G . 24.32 0.94 -15.95
C6 NAG G . 23.00 0.41 -15.40
C7 NAG G . 28.81 3.80 -15.77
C8 NAG G . 29.88 4.40 -16.66
N2 NAG G . 27.84 3.09 -16.35
O3 NAG G . 27.78 0.50 -14.69
O4 NAG G . 25.69 -0.95 -15.32
O5 NAG G . 24.31 2.34 -15.83
O6 NAG G . 23.05 0.53 -13.97
O7 NAG G . 28.88 3.97 -14.56
C1 NAG H . 11.60 22.51 -33.07
C2 NAG H . 11.38 23.92 -33.55
C3 NAG H . 12.08 24.13 -34.90
C4 NAG H . 13.55 23.75 -34.84
C5 NAG H . 13.79 22.46 -34.04
C6 NAG H . 15.25 22.37 -33.59
C7 NAG H . 9.48 25.27 -32.90
C8 NAG H . 8.03 25.51 -33.08
N2 NAG H . 9.97 24.25 -33.62
O3 NAG H . 12.18 25.49 -35.17
O4 NAG H . 14.03 23.66 -36.17
O5 NAG H . 12.99 22.45 -32.87
O6 NAG H . 15.85 21.19 -34.09
O7 NAG H . 10.14 25.99 -32.12
#